data_4OAU
#
_entry.id   4OAU
#
_cell.length_a   60.130
_cell.length_b   116.600
_cell.length_c   162.400
_cell.angle_alpha   90.00
_cell.angle_beta   90.00
_cell.angle_gamma   90.00
#
_symmetry.space_group_name_H-M   'P 21 2 21'
#
loop_
_entity.id
_entity.type
_entity.pdbx_description
1 polymer '2-5A-dependent ribonuclease'
2 polymer "RNA (5'-R(P*A*AP*A)-2')"
3 non-polymer "ADENOSINE-5'-DIPHOSPHATE"
4 non-polymer 'MAGNESIUM ION'
5 water water
#
loop_
_entity_poly.entity_id
_entity_poly.type
_entity_poly.pdbx_seq_one_letter_code
_entity_poly.pdbx_strand_id
1 'polypeptide(L)'
;AAVEDNHLLIKAVQNEDVDLVQQLLEGGANVNFQEEEGGWTPLHNAVQMSREDIVELLLRHGADPVLRKKNGATPFILAA
IAGSVKLLKLFLSKGADVNECDFYGFTAFMEAAVYGKVKALKFLYKRGANVNLRRKTKEDQERLRKGGATALMDAAEKGH
VEVLKILLDEMGADVNACDNMGRNALIHALLSSDDSDVEAITHLLLDHGADVNVRGERGKTPLILAVEKKHLGLVQRLLE
QEHIEINDTDSDGKTALLLAVELKLKKIAELLCKRGASTDCGDLVMTARRNYDHSLVKVLLSHGAKEDFHPPAEDWKPQS
SHWGAALKDLHRIYRPMIGKLKFFIDEKYKIADTSEGGIYLGFYEKQEVAVKTFCEGSPRAQREVSCLQSSRENSHLVTF
YGSESHRGHLFVCVTLCEQTLEACLDVHRGEDVENEEDEFARNVLSSIFKAVQELHLSCGYTHQDLQPQNILIDSKKAAH
LADFDKSIKWAGDPQEVKRDLEDLGRLVLYVVKKGSISFEDLKAQSNEEVVQLSPDEETKDLIHRLFHPGEHVRDCLSDL
LGHPFFWTWESRYRTLRNVGNESDIKTRKSESEILRLLQPGPSEHSKSFDKWTTKINECVMKKMNKFYEKRGNFYQNTVG
DLLKFIRNLGENIDEEKHKKMKLKIGDPSLYFQKTFPDLVIYVYTKLQNTEYRKHFPQT
;
C
2 'polyribonucleotide' AAA A
#
loop_
_chem_comp.id
_chem_comp.type
_chem_comp.name
_chem_comp.formula
A RNA linking ADENOSINE-5'-MONOPHOSPHATE 'C10 H14 N5 O7 P'
ADP non-polymer ADENOSINE-5'-DIPHOSPHATE 'C10 H15 N5 O10 P2'
MG non-polymer 'MAGNESIUM ION' 'Mg 2'
#
# COMPACT_ATOMS: atom_id res chain seq x y z
N ASP A 5 17.82 37.60 8.57
CA ASP A 5 17.99 38.86 9.28
C ASP A 5 17.54 38.77 10.74
N ASN A 6 16.57 37.90 10.99
CA ASN A 6 16.11 37.63 12.34
C ASN A 6 16.92 36.51 12.98
N HIS A 7 17.65 35.78 12.15
CA HIS A 7 18.44 34.64 12.60
C HIS A 7 19.90 34.99 12.87
N LEU A 8 20.26 36.26 12.68
CA LEU A 8 21.63 36.70 12.84
C LEU A 8 22.20 36.40 14.22
N LEU A 9 21.41 36.70 15.26
CA LEU A 9 21.86 36.51 16.65
C LEU A 9 22.01 35.04 17.01
N ILE A 10 21.02 34.23 16.62
CA ILE A 10 21.07 32.79 16.85
C ILE A 10 22.29 32.16 16.17
N LYS A 11 22.55 32.58 14.94
CA LYS A 11 23.69 32.08 14.18
C LYS A 11 25.02 32.55 14.77
N ALA A 12 25.04 33.76 15.31
CA ALA A 12 26.24 34.30 15.94
C ALA A 12 26.57 33.54 17.22
N VAL A 13 25.53 33.23 17.99
CA VAL A 13 25.69 32.42 19.18
C VAL A 13 26.18 31.02 18.79
N GLN A 14 25.56 30.45 17.77
CA GLN A 14 25.92 29.11 17.29
C GLN A 14 27.37 29.03 16.80
N ASN A 15 27.89 30.13 16.27
CA ASN A 15 29.29 30.17 15.85
C ASN A 15 30.24 30.53 16.99
N GLU A 16 29.67 30.78 18.17
CA GLU A 16 30.43 31.17 19.35
C GLU A 16 31.26 32.42 19.09
N ASP A 17 30.67 33.33 18.32
CA ASP A 17 31.31 34.59 17.98
C ASP A 17 30.89 35.68 18.98
N VAL A 18 31.51 35.65 20.16
CA VAL A 18 31.14 36.53 21.27
C VAL A 18 31.12 38.00 20.89
N ASP A 19 32.14 38.42 20.14
CA ASP A 19 32.25 39.81 19.71
C ASP A 19 31.08 40.21 18.82
N LEU A 20 30.69 39.30 17.92
CA LEU A 20 29.55 39.53 17.04
C LEU A 20 28.26 39.51 17.83
N VAL A 21 28.20 38.63 18.83
CA VAL A 21 27.03 38.54 19.71
C VAL A 21 26.84 39.83 20.48
N GLN A 22 27.93 40.36 21.04
CA GLN A 22 27.91 41.64 21.73
C GLN A 22 27.44 42.73 20.78
N GLN A 23 28.02 42.74 19.58
CA GLN A 23 27.73 43.75 18.58
C GLN A 23 26.26 43.75 18.17
N LEU A 24 25.69 42.56 18.03
CA LEU A 24 24.30 42.42 17.63
C LEU A 24 23.33 42.85 18.73
N LEU A 25 23.60 42.38 19.96
CA LEU A 25 22.75 42.72 21.10
C LEU A 25 22.74 44.21 21.39
N GLU A 26 23.91 44.83 21.32
CA GLU A 26 24.05 46.27 21.54
C GLU A 26 23.45 47.06 20.38
N GLY A 27 23.24 46.37 19.26
CA GLY A 27 22.65 46.97 18.07
C GLY A 27 21.13 47.03 18.11
N GLY A 28 20.54 46.24 19.00
CA GLY A 28 19.09 46.23 19.18
C GLY A 28 18.42 44.91 18.85
N ALA A 29 19.23 43.86 18.73
CA ALA A 29 18.72 42.54 18.35
C ALA A 29 17.78 41.92 19.39
N ASN A 30 16.73 41.26 18.89
CA ASN A 30 15.77 40.58 19.76
C ASN A 30 16.40 39.41 20.50
N VAL A 31 16.60 39.58 21.80
CA VAL A 31 17.29 38.60 22.63
C VAL A 31 16.45 37.33 22.86
N ASN A 32 15.13 37.45 22.73
CA ASN A 32 14.23 36.34 23.01
C ASN A 32 13.55 35.81 21.77
N PHE A 33 14.18 36.00 20.61
CA PHE A 33 13.65 35.47 19.36
C PHE A 33 13.61 33.95 19.39
N GLN A 34 12.53 33.38 18.87
CA GLN A 34 12.40 31.93 18.79
C GLN A 34 12.27 31.47 17.34
N GLU A 35 13.19 30.62 16.91
CA GLU A 35 13.12 30.06 15.56
C GLU A 35 11.91 29.15 15.42
N GLU A 36 11.35 29.11 14.22
CA GLU A 36 10.05 28.48 13.97
C GLU A 36 10.01 26.97 14.20
N GLU A 37 11.10 26.27 13.87
CA GLU A 37 11.11 24.81 13.90
C GLU A 37 10.88 24.22 15.29
N GLY A 38 11.67 24.65 16.27
CA GLY A 38 11.61 24.08 17.60
C GLY A 38 11.50 25.09 18.73
N GLY A 39 11.37 26.36 18.37
CA GLY A 39 11.22 27.41 19.37
C GLY A 39 12.51 27.72 20.11
N TRP A 40 13.64 27.46 19.46
CA TRP A 40 14.94 27.70 20.06
C TRP A 40 15.29 29.18 20.15
N THR A 41 15.82 29.60 21.30
CA THR A 41 16.26 30.97 21.51
C THR A 41 17.79 30.99 21.50
N PRO A 42 18.38 32.18 21.35
CA PRO A 42 19.84 32.32 21.51
C PRO A 42 20.35 31.75 22.83
N LEU A 43 19.56 31.89 23.89
CA LEU A 43 19.91 31.37 25.21
C LEU A 43 19.97 29.85 25.21
N HIS A 44 18.98 29.22 24.59
CA HIS A 44 18.92 27.76 24.49
C HIS A 44 20.18 27.23 23.81
N ASN A 45 20.59 27.89 22.73
CA ASN A 45 21.79 27.50 21.99
C ASN A 45 23.06 27.68 22.81
N ALA A 46 23.13 28.79 23.54
CA ALA A 46 24.29 29.09 24.37
C ALA A 46 24.46 28.04 25.47
N VAL A 47 23.35 27.60 26.04
CA VAL A 47 23.37 26.59 27.10
C VAL A 47 23.75 25.22 26.57
N GLN A 48 23.17 24.86 25.42
CA GLN A 48 23.44 23.59 24.76
C GLN A 48 24.93 23.46 24.44
N MET A 49 25.55 24.58 24.09
CA MET A 49 26.99 24.61 23.81
C MET A 49 27.80 24.67 25.11
N SER A 50 27.10 24.83 26.23
CA SER A 50 27.72 24.93 27.56
C SER A 50 28.68 26.11 27.66
N ARG A 51 28.27 27.25 27.11
CA ARG A 51 29.07 28.47 27.14
C ARG A 51 28.49 29.48 28.12
N GLU A 52 28.94 29.42 29.37
CA GLU A 52 28.39 30.26 30.43
C GLU A 52 28.62 31.76 30.21
N ASP A 53 29.68 32.11 29.47
CA ASP A 53 29.97 33.51 29.17
C ASP A 53 28.94 34.10 28.23
N ILE A 54 28.57 33.34 27.19
CA ILE A 54 27.55 33.78 26.25
C ILE A 54 26.19 33.84 26.94
N VAL A 55 25.94 32.86 27.82
CA VAL A 55 24.70 32.83 28.59
C VAL A 55 24.55 34.10 29.41
N GLU A 56 25.60 34.47 30.12
CA GLU A 56 25.61 35.67 30.95
C GLU A 56 25.35 36.90 30.10
N LEU A 57 26.08 37.00 29.00
CA LEU A 57 25.97 38.13 28.07
C LEU A 57 24.54 38.30 27.59
N LEU A 58 23.91 37.19 27.22
CA LEU A 58 22.53 37.21 26.76
C LEU A 58 21.57 37.62 27.87
N LEU A 59 21.81 37.13 29.07
CA LEU A 59 20.96 37.43 30.22
C LEU A 59 21.01 38.91 30.59
N ARG A 60 22.19 39.51 30.48
CA ARG A 60 22.36 40.91 30.81
C ARG A 60 21.70 41.82 29.77
N HIS A 61 21.44 41.27 28.59
CA HIS A 61 20.68 41.98 27.56
C HIS A 61 19.20 41.64 27.60
N GLY A 62 18.76 41.05 28.70
CA GLY A 62 17.33 40.86 28.95
C GLY A 62 16.73 39.55 28.47
N ALA A 63 17.54 38.51 28.37
CA ALA A 63 17.04 37.19 27.99
C ALA A 63 16.18 36.57 29.10
N ASP A 64 15.02 36.06 28.72
CA ASP A 64 14.15 35.34 29.65
C ASP A 64 14.84 34.05 30.09
N PRO A 65 15.17 33.95 31.38
CA PRO A 65 15.91 32.80 31.92
C PRO A 65 15.11 31.50 31.93
N VAL A 66 13.78 31.58 31.84
CA VAL A 66 12.93 30.40 31.98
C VAL A 66 12.01 30.16 30.78
N LEU A 67 12.29 30.84 29.67
CA LEU A 67 11.52 30.68 28.45
C LEU A 67 11.73 29.30 27.84
N ARG A 68 10.63 28.55 27.71
CA ARG A 68 10.69 27.20 27.17
C ARG A 68 10.63 27.18 25.64
N LYS A 69 11.28 26.19 25.04
CA LYS A 69 11.10 25.93 23.62
C LYS A 69 9.88 25.03 23.41
N LYS A 70 9.63 24.63 22.16
CA LYS A 70 8.40 23.94 21.81
C LYS A 70 8.13 22.63 22.57
N ASN A 71 9.20 21.91 22.92
CA ASN A 71 9.03 20.68 23.68
C ASN A 71 8.88 20.94 25.18
N GLY A 72 8.91 22.21 25.56
CA GLY A 72 8.71 22.62 26.94
C GLY A 72 9.98 22.64 27.77
N ALA A 73 11.10 22.30 27.15
CA ALA A 73 12.38 22.28 27.83
C ALA A 73 12.82 23.69 28.21
N THR A 74 13.32 23.84 29.43
CA THR A 74 13.84 25.12 29.91
C THR A 74 15.36 25.16 29.73
N PRO A 75 15.94 26.37 29.77
CA PRO A 75 17.41 26.50 29.77
C PRO A 75 18.06 25.73 30.92
N PHE A 76 17.32 25.59 32.02
CA PHE A 76 17.79 24.82 33.17
C PHE A 76 17.95 23.34 32.83
N ILE A 77 16.95 22.79 32.13
CA ILE A 77 16.98 21.40 31.73
C ILE A 77 18.08 21.14 30.71
N LEU A 78 18.25 22.06 29.77
CA LEU A 78 19.30 21.94 28.77
C LEU A 78 20.68 21.96 29.42
N ALA A 79 20.79 22.64 30.55
CA ALA A 79 22.05 22.74 31.28
C ALA A 79 22.47 21.38 31.85
N ALA A 80 21.49 20.55 32.18
CA ALA A 80 21.76 19.21 32.68
C ALA A 80 22.27 18.31 31.57
N ILE A 81 21.70 18.48 30.38
CA ILE A 81 22.13 17.74 29.20
C ILE A 81 23.58 18.09 28.89
N ALA A 82 23.93 19.36 29.09
CA ALA A 82 25.29 19.83 28.87
C ALA A 82 26.23 19.41 29.99
N GLY A 83 25.65 19.10 31.15
CA GLY A 83 26.42 18.68 32.31
C GLY A 83 27.06 19.82 33.09
N SER A 84 26.56 21.03 32.85
CA SER A 84 27.12 22.23 33.48
C SER A 84 26.52 22.54 34.84
N VAL A 85 27.28 22.26 35.90
CA VAL A 85 26.84 22.58 37.26
C VAL A 85 26.71 24.09 37.46
N LYS A 86 27.60 24.84 36.81
CA LYS A 86 27.58 26.30 36.88
C LYS A 86 26.29 26.90 36.32
N LEU A 87 25.85 26.38 35.18
CA LEU A 87 24.63 26.86 34.55
C LEU A 87 23.38 26.41 35.30
N LEU A 88 23.45 25.23 35.92
CA LEU A 88 22.34 24.74 36.73
C LEU A 88 22.18 25.62 37.96
N LYS A 89 23.32 25.95 38.57
CA LYS A 89 23.36 26.83 39.73
C LYS A 89 22.78 28.19 39.37
N LEU A 90 23.10 28.66 38.17
CA LEU A 90 22.69 29.97 37.70
C LEU A 90 21.17 30.08 37.56
N PHE A 91 20.58 29.11 36.86
CA PHE A 91 19.16 29.14 36.58
C PHE A 91 18.30 28.86 37.81
N LEU A 92 18.86 28.12 38.76
CA LEU A 92 18.18 27.87 40.02
C LEU A 92 18.02 29.16 40.81
N SER A 93 18.97 30.07 40.62
CA SER A 93 18.91 31.39 41.27
C SER A 93 18.03 32.34 40.47
N LYS A 94 17.65 31.94 39.26
CA LYS A 94 16.85 32.79 38.38
C LYS A 94 15.39 32.34 38.28
N GLY A 95 14.98 31.43 39.16
CA GLY A 95 13.58 31.06 39.24
C GLY A 95 13.23 29.65 38.76
N ALA A 96 14.20 28.93 38.22
CA ALA A 96 13.97 27.56 37.81
C ALA A 96 13.74 26.66 39.03
N ASP A 97 12.80 25.74 38.92
CA ASP A 97 12.56 24.77 39.98
C ASP A 97 13.28 23.46 39.66
N VAL A 98 13.84 22.81 40.66
CA VAL A 98 14.69 21.65 40.46
C VAL A 98 13.94 20.45 39.86
N ASN A 99 12.63 20.36 40.13
CA ASN A 99 11.84 19.24 39.62
C ASN A 99 10.94 19.60 38.44
N GLU A 100 11.24 20.71 37.77
CA GLU A 100 10.48 21.09 36.59
C GLU A 100 10.77 20.11 35.46
N CYS A 101 9.80 19.93 34.57
CA CYS A 101 9.94 18.97 33.50
C CYS A 101 9.39 19.48 32.18
N ASP A 102 9.89 18.94 31.07
CA ASP A 102 9.37 19.33 29.77
C ASP A 102 8.00 18.70 29.52
N PHE A 103 7.44 18.95 28.34
CA PHE A 103 6.09 18.51 28.03
C PHE A 103 6.01 16.99 27.87
N TYR A 104 7.16 16.32 27.81
CA TYR A 104 7.20 14.87 27.76
C TYR A 104 7.56 14.26 29.12
N GLY A 105 7.75 15.14 30.10
CA GLY A 105 7.97 14.72 31.49
C GLY A 105 9.42 14.56 31.91
N PHE A 106 10.34 15.00 31.05
CA PHE A 106 11.77 14.92 31.35
C PHE A 106 12.19 15.98 32.34
N THR A 107 12.74 15.55 33.48
CA THR A 107 13.33 16.48 34.43
C THR A 107 14.83 16.65 34.16
N ALA A 108 15.44 17.60 34.84
CA ALA A 108 16.88 17.83 34.71
C ALA A 108 17.68 16.65 35.22
N PHE A 109 17.17 16.00 36.27
CA PHE A 109 17.82 14.83 36.86
C PHE A 109 17.86 13.68 35.86
N MET A 110 16.76 13.51 35.13
CA MET A 110 16.66 12.46 34.13
C MET A 110 17.63 12.70 32.98
N GLU A 111 17.70 13.93 32.50
CA GLU A 111 18.58 14.27 31.38
C GLU A 111 20.04 14.05 31.73
N ALA A 112 20.40 14.35 32.97
CA ALA A 112 21.76 14.12 33.47
C ALA A 112 22.08 12.63 33.46
N ALA A 113 21.05 11.81 33.72
CA ALA A 113 21.19 10.36 33.70
C ALA A 113 21.26 9.84 32.27
N VAL A 114 20.42 10.39 31.40
CA VAL A 114 20.41 10.02 29.98
C VAL A 114 21.76 10.30 29.34
N TYR A 115 22.31 11.47 29.62
CA TYR A 115 23.55 11.91 29.00
C TYR A 115 24.78 11.58 29.83
N GLY A 116 24.58 10.89 30.96
CA GLY A 116 25.69 10.41 31.76
C GLY A 116 26.55 11.48 32.41
N LYS A 117 25.90 12.56 32.85
CA LYS A 117 26.63 13.66 33.49
C LYS A 117 26.65 13.49 35.00
N VAL A 118 27.77 12.99 35.52
CA VAL A 118 27.89 12.64 36.93
C VAL A 118 27.90 13.84 37.88
N LYS A 119 28.67 14.88 37.54
CA LYS A 119 28.76 16.06 38.38
C LYS A 119 27.40 16.77 38.46
N ALA A 120 26.69 16.80 37.35
CA ALA A 120 25.36 17.41 37.29
C ALA A 120 24.36 16.59 38.07
N LEU A 121 24.44 15.26 37.92
CA LEU A 121 23.54 14.36 38.62
C LEU A 121 23.70 14.51 40.13
N LYS A 122 24.95 14.48 40.58
CA LYS A 122 25.26 14.61 42.00
C LYS A 122 24.79 15.97 42.53
N PHE A 123 25.01 17.01 41.74
CA PHE A 123 24.62 18.36 42.12
C PHE A 123 23.11 18.49 42.27
N LEU A 124 22.39 17.98 41.28
CA LEU A 124 20.94 18.08 41.27
C LEU A 124 20.31 17.31 42.43
N TYR A 125 20.88 16.15 42.73
CA TYR A 125 20.39 15.36 43.86
C TYR A 125 20.47 16.16 45.15
N LYS A 126 21.59 16.82 45.37
CA LYS A 126 21.80 17.60 46.58
C LYS A 126 20.99 18.90 46.58
N ARG A 127 20.56 19.35 45.40
CA ARG A 127 19.68 20.50 45.30
C ARG A 127 18.20 20.11 45.42
N GLY A 128 17.96 18.84 45.76
CA GLY A 128 16.62 18.37 46.08
C GLY A 128 15.85 17.67 44.98
N ALA A 129 16.53 17.23 43.94
CA ALA A 129 15.86 16.56 42.82
C ALA A 129 15.22 15.24 43.24
N ASN A 130 14.06 14.94 42.68
CA ASN A 130 13.37 13.68 42.95
C ASN A 130 13.91 12.57 42.05
N VAL A 131 14.51 11.56 42.66
CA VAL A 131 15.14 10.47 41.92
C VAL A 131 14.14 9.53 41.25
N ASN A 132 13.03 9.27 41.92
CA ASN A 132 12.10 8.23 41.47
C ASN A 132 10.86 8.71 40.72
N LEU A 133 10.92 9.88 40.11
CA LEU A 133 9.81 10.37 39.30
C LEU A 133 9.62 9.50 38.07
N ARG A 134 8.39 9.08 37.81
CA ARG A 134 8.04 8.41 36.58
C ARG A 134 7.48 9.45 35.62
N ARG A 135 7.98 9.47 34.38
CA ARG A 135 7.64 10.53 33.43
C ARG A 135 6.16 10.65 33.14
N LYS A 136 5.62 11.83 33.40
CA LYS A 136 4.24 12.14 33.07
C LYS A 136 4.23 12.87 31.74
N THR A 137 3.43 12.39 30.80
CA THR A 137 3.31 13.01 29.50
C THR A 137 1.84 13.18 29.10
N LYS A 138 1.61 13.68 27.89
CA LYS A 138 0.26 13.94 27.41
C LYS A 138 -0.62 12.70 27.48
N GLU A 139 -1.91 12.92 27.73
CA GLU A 139 -2.89 11.84 27.81
C GLU A 139 -2.92 11.06 26.50
N ASP A 140 -2.53 11.73 25.43
CA ASP A 140 -2.35 11.12 24.12
C ASP A 140 -1.45 9.90 24.21
N GLN A 141 -0.17 10.17 24.43
CA GLN A 141 0.85 9.12 24.51
C GLN A 141 0.59 8.12 25.63
N GLU A 142 -0.09 8.57 26.68
CA GLU A 142 -0.33 7.72 27.84
C GLU A 142 -1.30 6.57 27.53
N ARG A 143 -2.24 6.81 26.62
CA ARG A 143 -3.16 5.76 26.18
C ARG A 143 -2.40 4.70 25.39
N LEU A 144 -1.31 5.11 24.75
CA LEU A 144 -0.42 4.20 24.05
C LEU A 144 0.43 3.38 25.01
N ARG A 145 0.35 3.73 26.29
CA ARG A 145 1.24 3.24 27.33
C ARG A 145 2.67 3.77 27.17
N LYS A 146 2.79 4.96 26.60
CA LYS A 146 4.05 5.70 26.64
C LYS A 146 4.22 6.35 28.01
N GLY A 147 5.42 6.86 28.28
CA GLY A 147 5.69 7.53 29.54
C GLY A 147 5.93 6.59 30.70
N GLY A 148 6.23 7.16 31.86
CA GLY A 148 6.41 6.39 33.09
C GLY A 148 7.83 5.97 33.42
N ALA A 149 8.78 6.32 32.55
CA ALA A 149 10.17 5.93 32.77
C ALA A 149 10.85 6.76 33.87
N THR A 150 11.97 6.25 34.37
CA THR A 150 12.71 6.90 35.44
C THR A 150 14.17 7.13 35.05
N ALA A 151 14.91 7.82 35.92
CA ALA A 151 16.32 8.12 35.67
C ALA A 151 17.18 6.86 35.66
N LEU A 152 16.81 5.88 36.49
CA LEU A 152 17.54 4.62 36.55
C LEU A 152 17.44 3.90 35.22
N MET A 153 16.25 3.92 34.63
CA MET A 153 15.99 3.26 33.36
C MET A 153 16.81 3.89 32.24
N ASP A 154 16.92 5.21 32.28
CA ASP A 154 17.67 5.95 31.27
C ASP A 154 19.15 5.59 31.30
N ALA A 155 19.72 5.58 32.50
CA ALA A 155 21.14 5.27 32.68
C ALA A 155 21.43 3.83 32.26
N ALA A 156 20.47 2.93 32.46
CA ALA A 156 20.61 1.55 32.06
C ALA A 156 20.61 1.43 30.53
N GLU A 157 19.61 2.06 29.91
CA GLU A 157 19.43 2.02 28.46
C GLU A 157 20.62 2.61 27.72
N LYS A 158 21.18 3.70 28.24
CA LYS A 158 22.33 4.33 27.61
C LYS A 158 23.66 3.71 28.05
N GLY A 159 23.59 2.84 29.05
CA GLY A 159 24.74 2.05 29.48
C GLY A 159 25.74 2.77 30.37
N HIS A 160 25.30 3.84 31.02
CA HIS A 160 26.15 4.58 31.95
C HIS A 160 26.29 3.83 33.27
N VAL A 161 27.43 3.15 33.44
CA VAL A 161 27.65 2.29 34.61
C VAL A 161 27.85 3.06 35.91
N GLU A 162 28.68 4.09 35.87
CA GLU A 162 28.96 4.86 37.08
C GLU A 162 27.70 5.56 37.58
N VAL A 163 26.93 6.12 36.64
CA VAL A 163 25.67 6.77 36.98
C VAL A 163 24.70 5.79 37.64
N LEU A 164 24.69 4.55 37.15
CA LEU A 164 23.81 3.53 37.70
C LEU A 164 24.18 3.16 39.14
N LYS A 165 25.48 3.04 39.40
CA LYS A 165 25.98 2.73 40.74
C LYS A 165 25.57 3.82 41.72
N ILE A 166 25.68 5.07 41.27
CA ILE A 166 25.37 6.22 42.09
C ILE A 166 23.87 6.27 42.42
N LEU A 167 23.05 5.97 41.41
CA LEU A 167 21.60 5.97 41.59
C LEU A 167 21.14 4.92 42.60
N LEU A 168 21.76 3.75 42.54
CA LEU A 168 21.38 2.62 43.40
C LEU A 168 22.00 2.68 44.79
N ASP A 169 23.27 3.09 44.86
CA ASP A 169 24.02 3.03 46.12
C ASP A 169 24.01 4.33 46.92
N GLU A 170 23.85 5.46 46.24
CA GLU A 170 23.98 6.75 46.90
C GLU A 170 22.72 7.61 46.87
N MET A 171 21.76 7.27 46.01
CA MET A 171 20.60 8.13 45.79
C MET A 171 19.24 7.46 45.99
N GLY A 172 19.25 6.18 46.38
CA GLY A 172 18.03 5.47 46.73
C GLY A 172 17.01 5.29 45.61
N ALA A 173 17.48 4.89 44.43
CA ALA A 173 16.59 4.67 43.29
C ALA A 173 15.86 3.32 43.37
N ASP A 174 14.57 3.35 43.04
CA ASP A 174 13.77 2.12 43.01
C ASP A 174 14.20 1.25 41.83
N VAL A 175 14.85 0.14 42.13
CA VAL A 175 15.38 -0.73 41.08
C VAL A 175 14.29 -1.43 40.27
N ASN A 176 13.17 -1.74 40.92
CA ASN A 176 12.09 -2.46 40.26
C ASN A 176 10.90 -1.58 39.85
N ALA A 177 11.17 -0.29 39.63
CA ALA A 177 10.15 0.61 39.09
C ALA A 177 9.86 0.19 37.66
N CYS A 178 8.62 0.40 37.23
CA CYS A 178 8.22 0.03 35.87
C CYS A 178 7.53 1.20 35.17
N ASP A 179 7.81 1.37 33.88
CA ASP A 179 7.12 2.41 33.11
C ASP A 179 5.70 2.00 32.74
N ASN A 180 5.03 2.83 31.94
CA ASN A 180 3.65 2.57 31.55
C ASN A 180 3.51 1.33 30.65
N MET A 181 4.61 0.86 30.10
CA MET A 181 4.61 -0.35 29.29
C MET A 181 4.85 -1.59 30.17
N GLY A 182 5.34 -1.34 31.39
CA GLY A 182 5.61 -2.42 32.33
C GLY A 182 7.07 -2.80 32.34
N ARG A 183 7.89 -2.03 31.62
CA ARG A 183 9.33 -2.26 31.55
C ARG A 183 10.05 -1.69 32.77
N ASN A 184 10.90 -2.51 33.39
CA ASN A 184 11.80 -1.99 34.43
C ASN A 184 13.16 -1.64 33.83
N ALA A 185 14.12 -1.32 34.70
CA ALA A 185 15.45 -0.90 34.26
C ALA A 185 16.23 -2.04 33.61
N LEU A 186 16.03 -3.25 34.12
CA LEU A 186 16.72 -4.43 33.58
C LEU A 186 16.32 -4.66 32.14
N ILE A 187 15.01 -4.63 31.88
CA ILE A 187 14.47 -4.80 30.55
C ILE A 187 14.96 -3.70 29.60
N HIS A 188 15.05 -2.47 30.11
CA HIS A 188 15.52 -1.34 29.30
C HIS A 188 16.96 -1.49 28.85
N ALA A 189 17.79 -2.06 29.71
CA ALA A 189 19.19 -2.28 29.39
C ALA A 189 19.35 -3.37 28.33
N LEU A 190 18.54 -4.41 28.45
CA LEU A 190 18.62 -5.55 27.54
C LEU A 190 17.93 -5.27 26.20
N LEU A 191 17.00 -4.32 26.19
CA LEU A 191 16.36 -3.89 24.96
C LEU A 191 17.26 -2.97 24.13
N SER A 192 18.15 -2.27 24.83
CA SER A 192 18.99 -1.24 24.21
C SER A 192 19.93 -1.80 23.14
N SER A 193 20.24 -0.96 22.14
CA SER A 193 21.19 -1.32 21.10
C SER A 193 22.62 -1.02 21.55
N ASP A 194 22.75 -0.22 22.61
CA ASP A 194 24.04 0.09 23.19
C ASP A 194 24.50 -1.04 24.12
N ASP A 195 25.12 -2.06 23.52
CA ASP A 195 25.49 -3.28 24.23
C ASP A 195 26.80 -3.19 25.02
N SER A 196 27.51 -2.08 24.84
CA SER A 196 28.88 -1.93 25.33
C SER A 196 29.12 -2.31 26.80
N ASP A 197 28.16 -1.99 27.67
CA ASP A 197 28.31 -2.24 29.10
C ASP A 197 27.17 -3.07 29.67
N VAL A 198 26.44 -3.77 28.81
CA VAL A 198 25.24 -4.49 29.23
C VAL A 198 25.52 -5.60 30.25
N GLU A 199 26.73 -6.15 30.22
CA GLU A 199 27.13 -7.17 31.20
C GLU A 199 27.21 -6.59 32.60
N ALA A 200 27.93 -5.48 32.73
CA ALA A 200 28.11 -4.82 34.02
C ALA A 200 26.78 -4.31 34.55
N ILE A 201 25.99 -3.70 33.67
CA ILE A 201 24.69 -3.16 34.04
C ILE A 201 23.77 -4.26 34.56
N THR A 202 23.75 -5.39 33.86
CA THR A 202 22.89 -6.51 34.25
C THR A 202 23.24 -7.06 35.62
N HIS A 203 24.53 -7.31 35.85
CA HIS A 203 24.99 -7.80 37.15
C HIS A 203 24.64 -6.83 38.27
N LEU A 204 24.89 -5.54 38.02
CA LEU A 204 24.60 -4.49 38.98
C LEU A 204 23.14 -4.50 39.40
N LEU A 205 22.24 -4.55 38.43
CA LEU A 205 20.82 -4.53 38.69
C LEU A 205 20.36 -5.79 39.43
N LEU A 206 20.79 -6.95 38.93
CA LEU A 206 20.43 -8.24 39.52
C LEU A 206 20.90 -8.34 40.97
N ASP A 207 22.10 -7.82 41.24
CA ASP A 207 22.65 -7.85 42.58
C ASP A 207 21.90 -6.89 43.51
N HIS A 208 21.27 -5.87 42.93
CA HIS A 208 20.45 -4.95 43.70
C HIS A 208 18.99 -5.40 43.79
N GLY A 209 18.75 -6.64 43.37
CA GLY A 209 17.43 -7.24 43.53
C GLY A 209 16.45 -7.00 42.40
N ALA A 210 16.97 -6.67 41.21
CA ALA A 210 16.11 -6.45 40.04
C ALA A 210 15.32 -7.70 39.66
N ASP A 211 14.06 -7.49 39.29
CA ASP A 211 13.17 -8.60 38.94
C ASP A 211 13.45 -9.14 37.53
N VAL A 212 13.71 -10.43 37.45
CA VAL A 212 14.03 -11.08 36.18
C VAL A 212 12.79 -11.47 35.38
N ASN A 213 11.69 -11.70 36.08
CA ASN A 213 10.46 -12.14 35.42
C ASN A 213 9.52 -10.97 35.10
N VAL A 214 9.91 -10.18 34.10
CA VAL A 214 9.12 -9.02 33.71
C VAL A 214 9.12 -8.88 32.19
N ARG A 215 7.95 -8.57 31.63
CA ARG A 215 7.77 -8.57 30.18
C ARG A 215 8.19 -7.26 29.49
N GLY A 216 8.68 -7.39 28.26
CA GLY A 216 9.00 -6.24 27.43
C GLY A 216 7.90 -5.95 26.44
N GLU A 217 8.26 -5.31 25.32
CA GLU A 217 7.27 -4.84 24.35
C GLU A 217 6.71 -5.90 23.39
N ARG A 218 7.35 -7.06 23.34
CA ARG A 218 6.85 -8.14 22.50
C ARG A 218 6.83 -9.48 23.24
N GLY A 219 6.44 -9.43 24.51
CA GLY A 219 6.44 -10.62 25.35
C GLY A 219 7.84 -10.98 25.81
N LYS A 220 8.80 -10.19 25.37
CA LYS A 220 10.21 -10.46 25.63
C LYS A 220 10.56 -10.36 27.10
N THR A 221 11.05 -11.46 27.66
CA THR A 221 11.60 -11.47 29.01
C THR A 221 13.09 -11.14 28.92
N PRO A 222 13.71 -10.78 30.05
CA PRO A 222 15.16 -10.57 30.06
C PRO A 222 15.93 -11.78 29.54
N LEU A 223 15.48 -12.97 29.90
CA LEU A 223 16.14 -14.20 29.46
C LEU A 223 16.09 -14.36 27.95
N ILE A 224 14.91 -14.14 27.38
CA ILE A 224 14.70 -14.22 25.94
C ILE A 224 15.56 -13.19 25.21
N LEU A 225 15.71 -12.01 25.81
CA LEU A 225 16.52 -10.95 25.23
C LEU A 225 18.01 -11.30 25.21
N ALA A 226 18.46 -11.97 26.27
CA ALA A 226 19.86 -12.40 26.36
C ALA A 226 20.15 -13.49 25.34
N VAL A 227 19.19 -14.39 25.16
CA VAL A 227 19.31 -15.46 24.17
C VAL A 227 19.40 -14.87 22.77
N GLU A 228 18.54 -13.89 22.49
CA GLU A 228 18.54 -13.24 21.19
C GLU A 228 19.80 -12.41 20.97
N LYS A 229 20.42 -11.97 22.06
CA LYS A 229 21.69 -11.25 21.98
C LYS A 229 22.85 -12.20 21.68
N LYS A 230 22.56 -13.50 21.73
CA LYS A 230 23.59 -14.54 21.59
C LYS A 230 24.68 -14.36 22.63
N HIS A 231 24.31 -13.86 23.79
CA HIS A 231 25.26 -13.55 24.85
C HIS A 231 25.25 -14.61 25.94
N LEU A 232 26.25 -15.48 25.93
CA LEU A 232 26.33 -16.60 26.86
C LEU A 232 26.48 -16.16 28.31
N GLY A 233 27.29 -15.12 28.53
CA GLY A 233 27.52 -14.61 29.87
C GLY A 233 26.26 -14.05 30.52
N LEU A 234 25.50 -13.31 29.73
CA LEU A 234 24.22 -12.76 30.20
C LEU A 234 23.26 -13.87 30.58
N VAL A 235 23.14 -14.88 29.72
CA VAL A 235 22.28 -16.03 29.97
C VAL A 235 22.72 -16.76 31.23
N GLN A 236 24.04 -16.89 31.40
CA GLN A 236 24.59 -17.55 32.58
C GLN A 236 24.21 -16.84 33.87
N ARG A 237 24.41 -15.53 33.91
CA ARG A 237 24.07 -14.74 35.09
C ARG A 237 22.56 -14.75 35.36
N LEU A 238 21.77 -14.58 34.31
CA LEU A 238 20.31 -14.58 34.43
C LEU A 238 19.79 -15.90 34.96
N LEU A 239 20.45 -16.99 34.57
CA LEU A 239 20.02 -18.33 34.97
C LEU A 239 20.47 -18.71 36.39
N GLU A 240 21.29 -17.84 36.99
CA GLU A 240 21.71 -18.04 38.37
C GLU A 240 20.64 -17.57 39.35
N GLN A 241 19.72 -16.75 38.84
CA GLN A 241 18.57 -16.32 39.62
C GLN A 241 17.71 -17.54 39.94
N GLU A 242 17.51 -17.80 41.22
CA GLU A 242 16.87 -19.04 41.65
C GLU A 242 15.39 -19.20 41.28
N HIS A 243 14.76 -18.12 40.85
CA HIS A 243 13.33 -18.16 40.55
C HIS A 243 12.97 -17.60 39.18
N ILE A 244 13.92 -17.60 38.24
CA ILE A 244 13.64 -17.14 36.89
C ILE A 244 12.69 -18.11 36.18
N GLU A 245 11.74 -17.56 35.41
CA GLU A 245 10.80 -18.39 34.66
C GLU A 245 11.34 -18.72 33.28
N ILE A 246 11.95 -19.90 33.15
CA ILE A 246 12.64 -20.30 31.93
C ILE A 246 11.69 -20.54 30.76
N ASN A 247 10.45 -20.96 31.05
CA ASN A 247 9.51 -21.36 30.02
C ASN A 247 8.55 -20.28 29.53
N ASP A 248 8.84 -19.02 29.84
CA ASP A 248 8.03 -17.91 29.34
C ASP A 248 8.17 -17.79 27.83
N THR A 249 7.06 -17.46 27.17
CA THR A 249 7.05 -17.30 25.72
C THR A 249 6.81 -15.84 25.32
N ASP A 250 7.44 -15.41 24.24
CA ASP A 250 7.20 -14.06 23.74
C ASP A 250 5.85 -14.01 23.02
N SER A 251 5.61 -12.93 22.28
CA SER A 251 4.33 -12.74 21.59
C SER A 251 4.10 -13.76 20.47
N ASP A 252 5.19 -14.34 19.96
CA ASP A 252 5.11 -15.35 18.92
C ASP A 252 4.92 -16.75 19.49
N GLY A 253 4.87 -16.84 20.82
CA GLY A 253 4.71 -18.11 21.49
C GLY A 253 6.02 -18.89 21.58
N LYS A 254 7.11 -18.25 21.19
CA LYS A 254 8.43 -18.87 21.24
C LYS A 254 9.08 -18.73 22.61
N THR A 255 9.65 -19.83 23.10
CA THR A 255 10.35 -19.82 24.37
C THR A 255 11.83 -19.49 24.17
N ALA A 256 12.56 -19.31 25.28
CA ALA A 256 13.99 -19.00 25.21
C ALA A 256 14.79 -20.11 24.56
N LEU A 257 14.47 -21.36 24.89
CA LEU A 257 15.16 -22.51 24.33
C LEU A 257 14.93 -22.65 22.83
N LEU A 258 13.68 -22.49 22.41
CA LEU A 258 13.34 -22.57 21.01
C LEU A 258 14.10 -21.54 20.21
N LEU A 259 14.16 -20.32 20.74
CA LEU A 259 14.88 -19.24 20.09
C LEU A 259 16.38 -19.55 20.03
N ALA A 260 16.90 -20.12 21.11
CA ALA A 260 18.30 -20.51 21.15
C ALA A 260 18.63 -21.55 20.08
N VAL A 261 17.67 -22.44 19.81
CA VAL A 261 17.83 -23.47 18.80
C VAL A 261 17.76 -22.91 17.38
N GLU A 262 16.76 -22.05 17.16
CA GLU A 262 16.57 -21.40 15.86
C GLU A 262 17.75 -20.49 15.52
N LEU A 263 18.36 -19.92 16.54
CA LEU A 263 19.49 -19.01 16.35
C LEU A 263 20.81 -19.75 16.28
N LYS A 264 20.75 -21.09 16.26
CA LYS A 264 21.93 -21.94 16.14
C LYS A 264 22.93 -21.76 17.29
N LEU A 265 22.40 -21.59 18.50
CA LEU A 265 23.23 -21.39 19.69
C LEU A 265 23.26 -22.65 20.55
N LYS A 266 24.19 -23.54 20.28
CA LYS A 266 24.24 -24.82 20.98
C LYS A 266 24.54 -24.69 22.48
N LYS A 267 25.56 -23.92 22.81
CA LYS A 267 25.99 -23.76 24.19
C LYS A 267 24.90 -23.17 25.07
N ILE A 268 24.21 -22.16 24.55
CA ILE A 268 23.10 -21.55 25.26
C ILE A 268 21.92 -22.50 25.39
N ALA A 269 21.60 -23.19 24.30
CA ALA A 269 20.49 -24.15 24.28
C ALA A 269 20.73 -25.30 25.24
N GLU A 270 21.98 -25.74 25.35
CA GLU A 270 22.36 -26.80 26.27
C GLU A 270 22.27 -26.33 27.72
N LEU A 271 22.63 -25.07 27.95
CA LEU A 271 22.58 -24.49 29.28
C LEU A 271 21.15 -24.42 29.79
N LEU A 272 20.26 -23.96 28.91
CA LEU A 272 18.84 -23.86 29.23
C LEU A 272 18.28 -25.24 29.54
N CYS A 273 18.75 -26.24 28.80
CA CYS A 273 18.33 -27.63 29.01
C CYS A 273 18.79 -28.17 30.35
N LYS A 274 20.03 -27.84 30.73
CA LYS A 274 20.58 -28.31 32.00
C LYS A 274 19.92 -27.62 33.19
N ARG A 275 19.52 -26.37 32.98
CA ARG A 275 18.82 -25.61 34.03
C ARG A 275 17.33 -25.97 34.05
N GLY A 276 16.92 -26.87 33.17
CA GLY A 276 15.59 -27.46 33.22
C GLY A 276 14.49 -26.86 32.38
N ALA A 277 14.84 -26.27 31.25
CA ALA A 277 13.83 -25.78 30.31
C ALA A 277 13.08 -26.98 29.75
N SER A 278 11.76 -26.85 29.62
CA SER A 278 10.96 -27.91 29.01
C SER A 278 11.31 -28.00 27.54
N THR A 279 11.16 -29.18 26.96
CA THR A 279 11.53 -29.40 25.56
C THR A 279 10.31 -29.47 24.63
N ASP A 280 9.14 -29.18 25.17
CA ASP A 280 7.93 -29.06 24.37
C ASP A 280 7.67 -27.60 24.03
N CYS A 281 8.56 -27.00 23.25
CA CYS A 281 8.46 -25.59 22.90
C CYS A 281 8.00 -25.45 21.46
N GLY A 282 8.26 -26.49 20.67
CA GLY A 282 7.93 -26.48 19.26
C GLY A 282 8.79 -27.46 18.50
N ASP A 283 9.16 -27.09 17.28
CA ASP A 283 9.98 -27.92 16.42
C ASP A 283 11.45 -27.92 16.86
N LEU A 284 11.75 -28.44 18.04
CA LEU A 284 13.10 -28.38 18.58
C LEU A 284 14.12 -29.24 17.84
N VAL A 285 13.90 -30.55 17.82
CA VAL A 285 14.85 -31.47 17.20
C VAL A 285 14.99 -31.25 15.71
N MET A 286 13.85 -31.08 15.04
CA MET A 286 13.85 -30.94 13.60
C MET A 286 14.52 -29.64 13.14
N THR A 287 14.47 -28.61 13.99
CA THR A 287 15.15 -27.35 13.68
C THR A 287 16.67 -27.53 13.73
N ALA A 288 17.12 -28.30 14.71
CA ALA A 288 18.54 -28.57 14.89
C ALA A 288 19.10 -29.41 13.74
N ARG A 289 18.28 -30.33 13.23
CA ARG A 289 18.67 -31.16 12.09
C ARG A 289 18.77 -30.33 10.82
N ARG A 290 17.82 -29.42 10.63
CA ARG A 290 17.82 -28.57 9.45
C ARG A 290 19.04 -27.67 9.41
N ASN A 291 19.57 -27.34 10.59
CA ASN A 291 20.78 -26.55 10.69
C ASN A 291 22.04 -27.41 10.74
N TYR A 292 21.84 -28.72 10.62
CA TYR A 292 22.93 -29.70 10.60
C TYR A 292 23.78 -29.65 11.86
N ASP A 293 23.11 -29.77 13.01
CA ASP A 293 23.77 -29.73 14.31
C ASP A 293 23.36 -30.96 15.12
N HIS A 294 24.00 -32.09 14.85
CA HIS A 294 23.65 -33.33 15.55
C HIS A 294 24.02 -33.29 17.02
N SER A 295 25.07 -32.55 17.34
CA SER A 295 25.47 -32.36 18.72
C SER A 295 24.33 -31.75 19.53
N LEU A 296 23.67 -30.76 18.94
CA LEU A 296 22.52 -30.14 19.56
C LEU A 296 21.32 -31.07 19.54
N VAL A 297 21.21 -31.87 18.49
CA VAL A 297 20.13 -32.86 18.39
C VAL A 297 20.21 -33.87 19.53
N LYS A 298 21.41 -34.38 19.78
CA LYS A 298 21.63 -35.36 20.83
C LYS A 298 21.31 -34.79 22.22
N VAL A 299 21.67 -33.53 22.43
CA VAL A 299 21.39 -32.87 23.70
C VAL A 299 19.88 -32.74 23.92
N LEU A 300 19.19 -32.28 22.90
CA LEU A 300 17.74 -32.08 22.96
C LEU A 300 17.01 -33.39 23.21
N LEU A 301 17.49 -34.47 22.61
CA LEU A 301 16.87 -35.79 22.75
C LEU A 301 16.99 -36.33 24.17
N SER A 302 18.20 -36.23 24.73
CA SER A 302 18.45 -36.69 26.10
C SER A 302 17.59 -35.93 27.09
N HIS A 303 17.31 -34.66 26.80
CA HIS A 303 16.44 -33.85 27.65
C HIS A 303 14.97 -33.98 27.28
N GLY A 304 14.66 -34.95 26.41
CA GLY A 304 13.29 -35.38 26.18
C GLY A 304 12.45 -34.67 25.14
N ALA A 305 13.08 -34.14 24.10
CA ALA A 305 12.35 -33.45 23.05
C ALA A 305 11.57 -34.41 22.15
N LYS A 306 10.44 -33.94 21.63
CA LYS A 306 9.59 -34.75 20.76
C LYS A 306 10.24 -35.00 19.40
N GLU A 307 9.91 -36.13 18.78
CA GLU A 307 10.55 -36.51 17.52
C GLU A 307 9.67 -36.43 16.26
N ASP A 308 8.43 -35.94 16.41
CA ASP A 308 7.63 -35.58 15.24
C ASP A 308 6.67 -34.45 15.56
N PHE A 309 6.93 -33.28 14.99
CA PHE A 309 6.15 -32.10 15.31
C PHE A 309 4.99 -31.90 14.34
N HIS A 310 3.78 -32.00 14.87
CA HIS A 310 2.59 -31.65 14.10
C HIS A 310 2.12 -30.26 14.51
N PRO A 311 2.25 -29.28 13.60
CA PRO A 311 1.88 -27.87 13.81
C PRO A 311 0.44 -27.71 14.32
N PRO A 312 0.13 -26.56 14.93
CA PRO A 312 -1.22 -26.31 15.45
C PRO A 312 -2.29 -26.48 14.37
N ALA A 313 -3.49 -26.90 14.78
CA ALA A 313 -4.55 -27.25 13.84
C ALA A 313 -5.10 -26.05 13.07
N GLU A 314 -4.23 -25.36 12.35
CA GLU A 314 -4.64 -24.20 11.55
C GLU A 314 -5.59 -24.61 10.43
N ASP A 315 -6.83 -24.15 10.53
CA ASP A 315 -7.81 -24.38 9.48
C ASP A 315 -7.46 -23.50 8.29
N TRP A 316 -7.26 -24.12 7.13
CA TRP A 316 -6.89 -23.38 5.93
C TRP A 316 -7.21 -24.14 4.64
N LYS A 317 -7.91 -23.45 3.74
CA LYS A 317 -8.15 -23.94 2.39
C LYS A 317 -7.64 -22.86 1.45
N PRO A 318 -6.98 -23.27 0.35
CA PRO A 318 -6.56 -22.26 -0.63
C PRO A 318 -7.77 -21.69 -1.37
N GLN A 319 -7.70 -20.42 -1.75
CA GLN A 319 -8.81 -19.78 -2.44
C GLN A 319 -8.76 -20.04 -3.94
N SER A 320 -7.56 -20.17 -4.48
CA SER A 320 -7.36 -20.40 -5.91
C SER A 320 -7.74 -21.81 -6.34
N SER A 321 -8.18 -21.94 -7.58
CA SER A 321 -8.53 -23.24 -8.14
C SER A 321 -7.40 -23.77 -9.03
N HIS A 322 -6.85 -22.89 -9.87
CA HIS A 322 -5.77 -23.27 -10.78
C HIS A 322 -4.54 -23.68 -9.98
N TRP A 323 -4.07 -22.77 -9.14
CA TRP A 323 -3.08 -23.10 -8.13
C TRP A 323 -3.82 -23.78 -6.99
N GLY A 324 -3.34 -23.65 -5.76
CA GLY A 324 -4.01 -24.26 -4.63
C GLY A 324 -3.58 -25.69 -4.39
N ALA A 325 -3.44 -26.46 -5.46
CA ALA A 325 -2.85 -27.79 -5.35
C ALA A 325 -1.40 -27.61 -4.91
N ALA A 326 -0.73 -26.65 -5.54
CA ALA A 326 0.63 -26.30 -5.17
C ALA A 326 0.65 -25.50 -3.86
N LEU A 327 -0.37 -24.68 -3.65
CA LEU A 327 -0.46 -23.85 -2.44
C LEU A 327 -0.56 -24.69 -1.17
N LYS A 328 -1.28 -25.81 -1.24
CA LYS A 328 -1.42 -26.71 -0.10
C LYS A 328 -0.06 -27.27 0.31
N ASP A 329 0.78 -27.55 -0.69
CA ASP A 329 2.13 -28.05 -0.43
C ASP A 329 3.00 -26.98 0.19
N LEU A 330 3.02 -25.80 -0.42
CA LEU A 330 3.83 -24.69 0.08
C LEU A 330 3.42 -24.29 1.49
N HIS A 331 2.14 -24.46 1.79
CA HIS A 331 1.62 -24.17 3.12
C HIS A 331 2.12 -25.20 4.13
N ARG A 332 2.31 -26.43 3.67
CA ARG A 332 2.64 -27.56 4.54
C ARG A 332 4.14 -27.68 4.83
N ILE A 333 4.96 -27.59 3.78
CA ILE A 333 6.41 -27.76 3.92
C ILE A 333 7.04 -26.69 4.81
N TYR A 334 8.22 -26.98 5.33
CA TYR A 334 8.98 -25.97 6.07
C TYR A 334 9.62 -24.99 5.09
N ARG A 335 9.70 -23.73 5.52
CA ARG A 335 10.39 -22.69 4.78
C ARG A 335 10.83 -21.61 5.76
N PRO A 336 12.04 -21.06 5.56
CA PRO A 336 12.43 -19.92 6.38
C PRO A 336 11.68 -18.67 5.95
N MET A 337 11.24 -17.87 6.91
CA MET A 337 10.47 -16.66 6.61
C MET A 337 11.37 -15.50 6.22
N ILE A 338 11.00 -14.81 5.14
CA ILE A 338 11.64 -13.54 4.79
C ILE A 338 10.67 -12.42 5.12
N GLY A 339 10.87 -11.82 6.29
CA GLY A 339 9.94 -10.85 6.81
C GLY A 339 8.58 -11.50 7.01
N LYS A 340 7.59 -11.03 6.27
CA LYS A 340 6.25 -11.59 6.34
C LYS A 340 6.08 -12.69 5.30
N LEU A 341 6.91 -12.66 4.26
CA LEU A 341 6.78 -13.55 3.11
C LEU A 341 7.29 -14.99 3.33
N LYS A 342 6.43 -15.96 3.04
CA LYS A 342 6.83 -17.35 2.97
C LYS A 342 6.69 -17.86 1.55
N PHE A 343 7.82 -18.21 0.93
CA PHE A 343 7.81 -18.74 -0.43
C PHE A 343 9.07 -19.53 -0.77
N PHE A 344 9.02 -20.23 -1.90
CA PHE A 344 10.13 -21.08 -2.32
C PHE A 344 10.41 -20.82 -3.80
N ILE A 345 11.61 -20.33 -4.08
CA ILE A 345 12.04 -20.19 -5.47
C ILE A 345 12.41 -21.55 -6.03
N ASP A 346 11.41 -22.24 -6.57
CA ASP A 346 11.58 -23.59 -7.08
C ASP A 346 10.57 -23.81 -8.20
N GLU A 347 10.89 -24.72 -9.11
CA GLU A 347 10.08 -24.93 -10.31
C GLU A 347 8.64 -25.33 -10.00
N LYS A 348 8.44 -26.02 -8.88
CA LYS A 348 7.11 -26.47 -8.49
C LYS A 348 6.18 -25.29 -8.17
N TYR A 349 6.77 -24.20 -7.69
CA TYR A 349 5.97 -23.04 -7.27
C TYR A 349 6.12 -21.84 -8.19
N LYS A 350 6.89 -22.01 -9.26
CA LYS A 350 7.01 -20.97 -10.28
C LYS A 350 5.78 -20.96 -11.18
N ILE A 351 5.29 -19.76 -11.47
CA ILE A 351 4.13 -19.62 -12.32
C ILE A 351 4.53 -19.03 -13.67
N ALA A 352 5.69 -18.38 -13.68
CA ALA A 352 6.23 -17.77 -14.90
C ALA A 352 7.68 -17.33 -14.68
N ASP A 353 8.47 -17.40 -15.75
CA ASP A 353 9.82 -16.86 -15.74
C ASP A 353 9.79 -15.39 -16.13
N THR A 354 10.71 -14.60 -15.60
CA THR A 354 10.78 -13.18 -15.92
C THR A 354 12.23 -12.72 -16.10
N SER A 355 12.42 -11.45 -16.40
CA SER A 355 13.75 -10.91 -16.69
C SER A 355 14.72 -11.01 -15.52
N GLU A 356 14.23 -10.76 -14.30
CA GLU A 356 15.08 -10.81 -13.12
C GLU A 356 14.64 -11.88 -12.13
N GLY A 357 14.24 -13.03 -12.67
CA GLY A 357 13.83 -14.15 -11.85
C GLY A 357 12.57 -14.80 -12.38
N GLY A 358 11.47 -14.61 -11.66
CA GLY A 358 10.20 -15.14 -12.08
C GLY A 358 9.07 -14.77 -11.14
N ILE A 359 7.87 -15.26 -11.45
CA ILE A 359 6.74 -15.09 -10.56
C ILE A 359 6.51 -16.40 -9.81
N TYR A 360 6.26 -16.32 -8.52
CA TYR A 360 6.11 -17.52 -7.70
C TYR A 360 4.95 -17.40 -6.73
N LEU A 361 4.40 -18.55 -6.34
CA LEU A 361 3.40 -18.62 -5.30
C LEU A 361 4.04 -18.27 -3.96
N GLY A 362 3.25 -17.75 -3.04
CA GLY A 362 3.76 -17.38 -1.73
C GLY A 362 2.67 -16.93 -0.77
N PHE A 363 3.04 -16.78 0.50
CA PHE A 363 2.12 -16.29 1.51
C PHE A 363 2.67 -15.04 2.16
N TYR A 364 2.02 -13.89 1.94
CA TYR A 364 2.55 -12.62 2.43
C TYR A 364 2.25 -12.36 3.90
N GLU A 365 0.98 -12.37 4.27
CA GLU A 365 0.62 -12.25 5.68
C GLU A 365 -0.39 -13.34 6.00
N LYS A 366 0.06 -14.57 5.76
CA LYS A 366 -0.77 -15.78 5.74
C LYS A 366 -1.71 -15.78 4.53
N GLN A 367 -1.60 -14.74 3.71
CA GLN A 367 -2.44 -14.58 2.53
C GLN A 367 -1.75 -15.09 1.28
N GLU A 368 -2.45 -15.87 0.46
CA GLU A 368 -1.88 -16.36 -0.79
C GLU A 368 -1.70 -15.21 -1.78
N VAL A 369 -0.49 -15.09 -2.31
CA VAL A 369 -0.13 -14.00 -3.22
C VAL A 369 0.76 -14.51 -4.34
N ALA A 370 0.95 -13.68 -5.36
CA ALA A 370 1.98 -13.93 -6.36
C ALA A 370 3.21 -13.12 -5.97
N VAL A 371 4.39 -13.70 -6.15
CA VAL A 371 5.63 -13.00 -5.78
C VAL A 371 6.49 -12.72 -7.00
N LYS A 372 6.71 -11.44 -7.28
CA LYS A 372 7.60 -11.06 -8.38
C LYS A 372 8.99 -10.72 -7.85
N THR A 373 10.00 -11.30 -8.48
CA THR A 373 11.38 -11.10 -8.03
C THR A 373 12.16 -10.12 -8.90
N PHE A 374 13.07 -9.39 -8.28
CA PHE A 374 13.92 -8.43 -8.96
C PHE A 374 15.30 -8.43 -8.31
N CYS A 375 16.30 -7.97 -9.03
CA CYS A 375 17.53 -7.55 -8.40
C CYS A 375 17.20 -6.19 -7.81
N GLU A 376 17.42 -6.02 -6.51
CA GLU A 376 16.88 -4.89 -5.75
C GLU A 376 17.21 -3.51 -6.33
N GLY A 377 18.42 -3.35 -6.85
CA GLY A 377 18.85 -2.07 -7.36
C GLY A 377 18.33 -1.70 -8.75
N SER A 378 17.93 -2.71 -9.52
CA SER A 378 17.62 -2.56 -10.93
C SER A 378 16.52 -1.53 -11.23
N PRO A 379 16.59 -0.90 -12.42
CA PRO A 379 15.58 0.05 -12.90
C PRO A 379 14.19 -0.56 -12.97
N ARG A 380 14.10 -1.84 -13.32
CA ARG A 380 12.83 -2.54 -13.38
C ARG A 380 12.23 -2.70 -11.99
N ALA A 381 13.08 -2.99 -11.02
CA ALA A 381 12.67 -3.17 -9.64
C ALA A 381 11.99 -1.93 -9.09
N GLN A 382 12.63 -0.78 -9.28
CA GLN A 382 12.14 0.46 -8.71
C GLN A 382 11.16 1.21 -9.63
N ARG A 383 10.88 0.66 -10.80
CA ARG A 383 9.80 1.17 -11.63
C ARG A 383 8.49 0.51 -11.22
N GLU A 384 8.58 -0.78 -10.89
CA GLU A 384 7.43 -1.53 -10.42
C GLU A 384 7.00 -1.05 -9.05
N VAL A 385 7.95 -1.01 -8.12
CA VAL A 385 7.69 -0.64 -6.74
C VAL A 385 7.21 0.81 -6.60
N SER A 386 7.88 1.73 -7.29
CA SER A 386 7.50 3.14 -7.23
C SER A 386 6.08 3.36 -7.76
N CYS A 387 5.70 2.59 -8.76
CA CYS A 387 4.36 2.68 -9.32
C CYS A 387 3.32 2.08 -8.39
N LEU A 388 3.63 0.92 -7.82
CA LEU A 388 2.72 0.22 -6.92
C LEU A 388 2.47 0.99 -5.63
N GLN A 389 3.47 1.75 -5.19
CA GLN A 389 3.35 2.54 -3.97
C GLN A 389 2.43 3.74 -4.16
N SER A 390 2.34 4.22 -5.41
CA SER A 390 1.60 5.45 -5.70
C SER A 390 0.19 5.19 -6.24
N SER A 391 -0.20 3.92 -6.28
CA SER A 391 -1.46 3.54 -6.94
C SER A 391 -2.31 2.60 -6.10
N ARG A 392 -2.13 2.63 -4.78
CA ARG A 392 -2.90 1.77 -3.88
C ARG A 392 -4.40 2.07 -3.92
N GLU A 393 -4.75 3.29 -4.29
CA GLU A 393 -6.15 3.68 -4.37
C GLU A 393 -6.81 3.30 -5.69
N ASN A 394 -6.04 2.68 -6.58
CA ASN A 394 -6.57 2.21 -7.86
C ASN A 394 -7.20 0.82 -7.72
N SER A 395 -8.52 0.77 -7.77
CA SER A 395 -9.27 -0.46 -7.54
C SER A 395 -9.15 -1.50 -8.67
N HIS A 396 -8.80 -1.04 -9.86
CA HIS A 396 -8.76 -1.91 -11.02
C HIS A 396 -7.38 -2.49 -11.30
N LEU A 397 -6.40 -2.03 -10.52
CA LEU A 397 -5.06 -2.56 -10.61
C LEU A 397 -4.95 -3.79 -9.73
N VAL A 398 -3.94 -4.60 -10.02
CA VAL A 398 -3.54 -5.67 -9.11
C VAL A 398 -3.11 -5.00 -7.81
N THR A 399 -3.66 -5.48 -6.69
CA THR A 399 -3.41 -4.83 -5.41
C THR A 399 -2.07 -5.24 -4.78
N PHE A 400 -1.36 -4.24 -4.27
CA PHE A 400 0.00 -4.42 -3.75
C PHE A 400 -0.01 -4.78 -2.25
N TYR A 401 0.38 -6.00 -1.94
CA TYR A 401 0.39 -6.49 -0.57
C TYR A 401 1.59 -5.95 0.22
N GLY A 402 2.75 -5.96 -0.41
CA GLY A 402 3.96 -5.48 0.22
C GLY A 402 5.20 -6.06 -0.44
N SER A 403 6.37 -5.73 0.09
CA SER A 403 7.61 -6.24 -0.45
C SER A 403 8.58 -6.61 0.66
N GLU A 404 9.50 -7.52 0.34
CA GLU A 404 10.55 -7.91 1.28
C GLU A 404 11.88 -7.92 0.53
N SER A 405 12.92 -7.42 1.18
CA SER A 405 14.28 -7.51 0.65
C SER A 405 15.04 -8.57 1.43
N HIS A 406 15.98 -9.25 0.78
CA HIS A 406 16.75 -10.29 1.47
C HIS A 406 18.25 -10.04 1.40
N ARG A 407 18.82 -10.16 0.21
CA ARG A 407 20.26 -10.01 0.03
C ARG A 407 20.56 -9.25 -1.25
N GLY A 408 19.77 -8.22 -1.53
CA GLY A 408 19.88 -7.50 -2.78
C GLY A 408 18.85 -8.01 -3.76
N HIS A 409 17.94 -8.83 -3.26
CA HIS A 409 16.86 -9.37 -4.08
C HIS A 409 15.54 -8.85 -3.57
N LEU A 410 14.75 -8.26 -4.46
CA LEU A 410 13.47 -7.68 -4.08
C LEU A 410 12.31 -8.63 -4.39
N PHE A 411 11.48 -8.88 -3.41
CA PHE A 411 10.33 -9.76 -3.58
C PHE A 411 9.02 -8.98 -3.44
N VAL A 412 8.47 -8.58 -4.58
CA VAL A 412 7.23 -7.81 -4.60
C VAL A 412 5.99 -8.71 -4.52
N CYS A 413 5.26 -8.61 -3.42
CA CYS A 413 4.07 -9.41 -3.24
C CYS A 413 2.84 -8.69 -3.79
N VAL A 414 1.92 -9.47 -4.33
CA VAL A 414 0.86 -8.93 -5.17
C VAL A 414 -0.27 -9.95 -5.28
N THR A 415 -1.51 -9.49 -5.45
CA THR A 415 -2.67 -10.39 -5.49
C THR A 415 -2.53 -11.48 -6.53
N LEU A 416 -2.86 -12.70 -6.13
CA LEU A 416 -2.73 -13.88 -6.99
C LEU A 416 -3.97 -14.07 -7.86
N CYS A 417 -3.74 -14.19 -9.16
CA CYS A 417 -4.84 -14.39 -10.11
C CYS A 417 -4.78 -15.77 -10.74
N GLU A 418 -5.80 -16.11 -11.50
CA GLU A 418 -5.91 -17.45 -12.09
C GLU A 418 -5.09 -17.62 -13.37
N GLN A 419 -5.21 -16.66 -14.28
CA GLN A 419 -4.60 -16.77 -15.59
C GLN A 419 -4.56 -15.41 -16.28
N THR A 420 -3.85 -15.34 -17.39
CA THR A 420 -3.81 -14.11 -18.17
C THR A 420 -5.00 -14.00 -19.10
N LEU A 421 -5.11 -12.88 -19.79
CA LEU A 421 -6.19 -12.65 -20.74
C LEU A 421 -6.10 -13.64 -21.90
N GLU A 422 -4.89 -13.90 -22.36
CA GLU A 422 -4.64 -14.86 -23.44
C GLU A 422 -5.19 -16.23 -23.08
N ALA A 423 -4.72 -16.76 -21.95
CA ALA A 423 -5.09 -18.09 -21.50
C ALA A 423 -6.60 -18.25 -21.33
N CYS A 424 -7.25 -17.18 -20.92
CA CYS A 424 -8.70 -17.20 -20.68
C CYS A 424 -9.50 -17.29 -21.98
N LEU A 425 -9.29 -16.32 -22.88
CA LEU A 425 -10.05 -16.29 -24.12
C LEU A 425 -9.59 -17.31 -25.18
N ASP A 426 -8.60 -18.12 -24.81
CA ASP A 426 -8.24 -19.28 -25.62
C ASP A 426 -9.34 -20.33 -25.44
N VAL A 427 -9.79 -20.48 -24.20
CA VAL A 427 -10.87 -21.41 -23.87
C VAL A 427 -12.21 -20.86 -24.35
N HIS A 428 -12.41 -19.56 -24.20
CA HIS A 428 -13.64 -18.91 -24.62
C HIS A 428 -13.81 -18.90 -26.13
N ARG A 429 -12.71 -19.03 -26.86
CA ARG A 429 -12.75 -19.05 -28.32
C ARG A 429 -13.21 -20.41 -28.85
N GLY A 430 -12.85 -21.47 -28.12
CA GLY A 430 -13.20 -22.82 -28.52
C GLY A 430 -14.65 -23.19 -28.27
N GLU A 431 -15.32 -22.42 -27.40
CA GLU A 431 -16.70 -22.71 -27.05
C GLU A 431 -17.71 -21.77 -27.70
N ASP A 432 -17.31 -20.52 -27.92
CA ASP A 432 -18.20 -19.52 -28.53
C ASP A 432 -18.25 -19.63 -30.05
N VAL A 433 -18.66 -20.79 -30.55
CA VAL A 433 -18.84 -21.00 -31.98
C VAL A 433 -20.16 -20.36 -32.44
N GLU A 434 -20.86 -19.73 -31.50
CA GLU A 434 -22.13 -19.08 -31.78
C GLU A 434 -21.94 -17.62 -32.21
N ASN A 435 -22.91 -17.10 -32.94
CA ASN A 435 -23.00 -15.66 -33.18
C ASN A 435 -23.71 -14.98 -32.02
N GLU A 436 -23.15 -15.16 -30.83
CA GLU A 436 -23.76 -14.71 -29.58
C GLU A 436 -23.16 -13.38 -29.13
N GLU A 437 -23.91 -12.63 -28.33
CA GLU A 437 -23.42 -11.37 -27.77
C GLU A 437 -22.25 -11.64 -26.83
N ASP A 438 -21.18 -10.87 -27.01
CA ASP A 438 -19.97 -11.06 -26.22
C ASP A 438 -19.96 -10.17 -24.98
N GLU A 439 -20.61 -10.63 -23.92
CA GLU A 439 -20.68 -9.87 -22.67
C GLU A 439 -19.31 -9.75 -22.03
N PHE A 440 -18.52 -10.82 -22.12
CA PHE A 440 -17.20 -10.87 -21.49
C PHE A 440 -16.28 -9.78 -22.02
N ALA A 441 -16.33 -9.54 -23.32
CA ALA A 441 -15.49 -8.52 -23.95
C ALA A 441 -15.76 -7.15 -23.35
N ARG A 442 -17.02 -6.86 -23.07
CA ARG A 442 -17.42 -5.57 -22.52
C ARG A 442 -16.90 -5.35 -21.10
N ASN A 443 -17.33 -6.18 -20.17
CA ASN A 443 -16.97 -5.99 -18.75
C ASN A 443 -15.50 -6.23 -18.41
N VAL A 444 -14.73 -6.74 -19.37
CA VAL A 444 -13.28 -6.84 -19.20
C VAL A 444 -12.61 -5.57 -19.67
N LEU A 445 -13.03 -5.09 -20.85
CA LEU A 445 -12.47 -3.87 -21.42
C LEU A 445 -12.84 -2.62 -20.63
N SER A 446 -14.06 -2.57 -20.11
CA SER A 446 -14.49 -1.44 -19.30
C SER A 446 -13.70 -1.40 -18.00
N SER A 447 -13.33 -2.58 -17.52
CA SER A 447 -12.55 -2.71 -16.30
C SER A 447 -11.11 -2.24 -16.52
N ILE A 448 -10.56 -2.58 -17.68
CA ILE A 448 -9.19 -2.21 -18.01
C ILE A 448 -9.07 -0.72 -18.38
N PHE A 449 -10.11 -0.18 -19.00
CA PHE A 449 -10.17 1.24 -19.30
C PHE A 449 -10.06 2.07 -18.02
N LYS A 450 -10.77 1.64 -16.98
CA LYS A 450 -10.79 2.33 -15.71
C LYS A 450 -9.44 2.26 -15.01
N ALA A 451 -8.70 1.18 -15.27
CA ALA A 451 -7.36 1.03 -14.71
C ALA A 451 -6.42 2.06 -15.30
N VAL A 452 -6.39 2.14 -16.62
CA VAL A 452 -5.54 3.08 -17.34
C VAL A 452 -5.93 4.52 -17.04
N GLN A 453 -7.23 4.75 -16.83
CA GLN A 453 -7.73 6.09 -16.52
C GLN A 453 -7.21 6.58 -15.17
N GLU A 454 -7.40 5.78 -14.13
CA GLU A 454 -6.94 6.14 -12.79
C GLU A 454 -5.42 6.14 -12.72
N LEU A 455 -4.78 5.32 -13.56
CA LEU A 455 -3.33 5.26 -13.62
C LEU A 455 -2.78 6.60 -14.09
N HIS A 456 -3.29 7.07 -15.23
CA HIS A 456 -2.84 8.33 -15.82
C HIS A 456 -3.21 9.55 -14.97
N LEU A 457 -4.44 9.56 -14.48
CA LEU A 457 -5.01 10.77 -13.86
C LEU A 457 -4.90 10.81 -12.33
N SER A 458 -5.13 9.67 -11.68
CA SER A 458 -5.12 9.62 -10.22
C SER A 458 -3.78 9.19 -9.64
N CYS A 459 -3.12 8.26 -10.33
CA CYS A 459 -1.84 7.72 -9.85
C CYS A 459 -0.68 8.50 -10.44
N GLY A 460 -0.90 9.10 -11.61
CA GLY A 460 0.10 9.92 -12.25
C GLY A 460 1.17 9.12 -12.97
N TYR A 461 0.81 7.95 -13.47
CA TYR A 461 1.76 7.08 -14.17
C TYR A 461 1.24 6.60 -15.51
N THR A 462 2.17 6.24 -16.39
CA THR A 462 1.85 5.63 -17.68
C THR A 462 2.36 4.19 -17.68
N HIS A 463 1.56 3.26 -18.21
CA HIS A 463 1.87 1.84 -18.12
C HIS A 463 3.00 1.39 -19.07
N GLN A 464 2.90 1.79 -20.34
CA GLN A 464 3.91 1.49 -21.36
C GLN A 464 4.07 0.02 -21.77
N ASP A 465 3.18 -0.84 -21.31
CA ASP A 465 3.23 -2.24 -21.72
C ASP A 465 1.87 -2.91 -21.66
N LEU A 466 0.87 -2.24 -22.22
CA LEU A 466 -0.46 -2.84 -22.35
C LEU A 466 -0.43 -4.00 -23.33
N GLN A 467 -0.68 -5.20 -22.82
CA GLN A 467 -0.66 -6.41 -23.62
C GLN A 467 -1.46 -7.47 -22.88
N PRO A 468 -1.98 -8.47 -23.62
CA PRO A 468 -2.81 -9.51 -22.99
C PRO A 468 -2.11 -10.27 -21.88
N GLN A 469 -0.80 -10.47 -21.99
CA GLN A 469 -0.04 -11.18 -20.96
C GLN A 469 -0.07 -10.44 -19.61
N ASN A 470 -0.26 -9.13 -19.65
CA ASN A 470 -0.24 -8.32 -18.44
C ASN A 470 -1.61 -8.06 -17.83
N ILE A 471 -2.66 -8.56 -18.48
CA ILE A 471 -4.01 -8.50 -17.90
C ILE A 471 -4.38 -9.84 -17.29
N LEU A 472 -4.60 -9.83 -15.97
CA LEU A 472 -4.85 -11.06 -15.22
C LEU A 472 -6.33 -11.24 -14.93
N ILE A 473 -6.76 -12.49 -14.85
CA ILE A 473 -8.17 -12.80 -14.66
C ILE A 473 -8.44 -13.47 -13.31
N ASP A 474 -9.44 -12.96 -12.61
CA ASP A 474 -9.86 -13.53 -11.33
C ASP A 474 -10.44 -14.93 -11.48
N SER A 475 -10.91 -15.49 -10.37
CA SER A 475 -11.65 -16.74 -10.39
C SER A 475 -13.14 -16.45 -10.42
N LYS A 476 -13.52 -15.29 -10.98
CA LYS A 476 -14.90 -14.81 -10.87
C LYS A 476 -15.76 -14.42 -12.10
N LYS A 477 -15.22 -14.02 -13.26
CA LYS A 477 -13.80 -13.91 -13.57
C LYS A 477 -13.47 -12.46 -13.93
N ALA A 478 -13.16 -11.66 -12.92
CA ALA A 478 -12.87 -10.24 -13.15
C ALA A 478 -11.46 -10.01 -13.70
N ALA A 479 -11.28 -8.87 -14.38
CA ALA A 479 -9.99 -8.54 -14.98
C ALA A 479 -9.23 -7.49 -14.16
N HIS A 480 -7.90 -7.61 -14.15
CA HIS A 480 -7.05 -6.67 -13.40
C HIS A 480 -5.78 -6.33 -14.18
N LEU A 481 -5.30 -5.10 -14.04
CA LEU A 481 -4.07 -4.66 -14.69
C LEU A 481 -2.87 -5.00 -13.82
N ALA A 482 -1.76 -5.39 -14.45
CA ALA A 482 -0.54 -5.76 -13.72
C ALA A 482 0.73 -5.52 -14.52
N ASP A 483 1.86 -5.88 -13.93
CA ASP A 483 3.19 -5.66 -14.50
C ASP A 483 3.49 -4.17 -14.74
N PHE A 484 4.30 -3.59 -13.85
CA PHE A 484 4.56 -2.15 -13.89
C PHE A 484 6.03 -1.79 -13.98
N ASP A 485 6.89 -2.77 -14.25
CA ASP A 485 8.33 -2.51 -14.29
C ASP A 485 8.78 -1.77 -15.55
N LYS A 486 7.82 -1.28 -16.33
CA LYS A 486 8.11 -0.44 -17.49
C LYS A 486 7.30 0.85 -17.43
N SER A 487 6.90 1.23 -16.23
CA SER A 487 6.11 2.44 -16.01
C SER A 487 6.95 3.71 -16.02
N ILE A 488 6.34 4.82 -16.44
CA ILE A 488 7.00 6.12 -16.40
C ILE A 488 6.11 7.11 -15.64
N LYS A 489 6.73 8.03 -14.91
CA LYS A 489 5.97 8.94 -14.05
C LYS A 489 5.14 9.97 -14.82
N TRP A 490 5.71 11.15 -15.05
CA TRP A 490 4.94 12.29 -15.56
C TRP A 490 4.25 12.02 -16.90
N ALA A 491 2.93 12.16 -16.89
CA ALA A 491 2.11 11.94 -18.08
C ALA A 491 2.06 13.20 -18.94
N GLY A 492 2.82 14.22 -18.53
CA GLY A 492 2.84 15.50 -19.22
C GLY A 492 3.23 15.39 -20.68
N ASP A 493 4.24 14.58 -20.97
CA ASP A 493 4.63 14.29 -22.35
C ASP A 493 3.52 13.49 -23.02
N PRO A 494 2.82 14.09 -24.00
CA PRO A 494 1.66 13.47 -24.63
C PRO A 494 2.00 12.22 -25.43
N GLN A 495 3.26 12.07 -25.83
CA GLN A 495 3.68 10.91 -26.62
C GLN A 495 3.62 9.63 -25.78
N GLU A 496 3.82 9.77 -24.47
CA GLU A 496 3.76 8.63 -23.57
C GLU A 496 2.31 8.22 -23.30
N VAL A 497 1.42 9.20 -23.22
CA VAL A 497 0.00 8.92 -23.05
C VAL A 497 -0.59 8.37 -24.34
N LYS A 498 -0.15 8.91 -25.46
CA LYS A 498 -0.57 8.43 -26.76
C LYS A 498 -0.15 6.98 -26.95
N ARG A 499 1.09 6.68 -26.57
CA ARG A 499 1.64 5.33 -26.68
C ARG A 499 0.79 4.31 -25.93
N ASP A 500 0.30 4.70 -24.76
CA ASP A 500 -0.59 3.84 -23.98
C ASP A 500 -1.97 3.72 -24.61
N LEU A 501 -2.47 4.82 -25.18
CA LEU A 501 -3.79 4.83 -25.78
C LEU A 501 -3.88 3.98 -27.05
N GLU A 502 -2.91 4.14 -27.95
CA GLU A 502 -2.91 3.33 -29.18
C GLU A 502 -2.49 1.87 -28.93
N ASP A 503 -2.08 1.57 -27.71
CA ASP A 503 -1.92 0.19 -27.27
C ASP A 503 -3.27 -0.35 -26.80
N LEU A 504 -4.10 0.55 -26.28
CA LEU A 504 -5.43 0.17 -25.81
C LEU A 504 -6.35 -0.18 -26.97
N GLY A 505 -6.25 0.59 -28.06
CA GLY A 505 -7.07 0.37 -29.23
C GLY A 505 -6.78 -0.95 -29.90
N ARG A 506 -5.49 -1.31 -29.93
CA ARG A 506 -5.07 -2.60 -30.47
C ARG A 506 -5.52 -3.74 -29.56
N LEU A 507 -5.75 -3.40 -28.29
CA LEU A 507 -6.21 -4.39 -27.32
C LEU A 507 -7.71 -4.63 -27.44
N VAL A 508 -8.44 -3.60 -27.87
CA VAL A 508 -9.87 -3.72 -28.07
C VAL A 508 -10.19 -4.70 -29.19
N LEU A 509 -9.39 -4.65 -30.26
CA LEU A 509 -9.55 -5.58 -31.36
C LEU A 509 -9.18 -7.00 -30.91
N TYR A 510 -8.22 -7.09 -30.00
CA TYR A 510 -7.74 -8.39 -29.53
C TYR A 510 -8.83 -9.17 -28.80
N VAL A 511 -9.52 -8.52 -27.88
CA VAL A 511 -10.53 -9.18 -27.06
C VAL A 511 -11.80 -9.50 -27.86
N VAL A 512 -12.22 -8.56 -28.70
CA VAL A 512 -13.42 -8.75 -29.52
C VAL A 512 -13.25 -9.91 -30.50
N LYS A 513 -12.07 -10.00 -31.10
CA LYS A 513 -11.73 -11.11 -31.99
C LYS A 513 -11.41 -12.39 -31.23
N LYS A 514 -11.58 -12.35 -29.91
CA LYS A 514 -11.36 -13.50 -29.04
C LYS A 514 -9.92 -14.02 -29.09
N GLY A 515 -8.99 -13.13 -29.43
CA GLY A 515 -7.57 -13.46 -29.43
C GLY A 515 -7.08 -14.27 -30.61
N SER A 516 -7.88 -14.33 -31.67
CA SER A 516 -7.49 -15.07 -32.87
C SER A 516 -6.33 -14.40 -33.60
N ILE A 517 -6.14 -13.11 -33.35
CA ILE A 517 -5.00 -12.38 -33.89
C ILE A 517 -4.03 -12.08 -32.76
N SER A 518 -2.78 -12.54 -32.91
CA SER A 518 -1.75 -12.31 -31.89
C SER A 518 -1.49 -10.82 -31.71
N PHE A 519 -1.23 -10.42 -30.47
CA PHE A 519 -1.05 -9.01 -30.16
C PHE A 519 0.24 -8.46 -30.76
N GLU A 520 1.22 -9.32 -30.99
CA GLU A 520 2.53 -8.87 -31.46
C GLU A 520 2.50 -8.30 -32.88
N ASP A 521 1.71 -8.90 -33.77
CA ASP A 521 1.59 -8.34 -35.12
C ASP A 521 0.47 -7.31 -35.23
N LEU A 522 -0.37 -7.24 -34.21
CA LEU A 522 -1.34 -6.16 -34.11
C LEU A 522 -0.58 -4.86 -33.85
N LYS A 523 0.56 -4.98 -33.17
CA LYS A 523 1.44 -3.85 -32.95
C LYS A 523 2.32 -3.59 -34.18
N ALA A 524 2.37 -4.57 -35.08
CA ALA A 524 3.17 -4.44 -36.30
C ALA A 524 2.46 -3.58 -37.35
N GLN A 525 1.19 -3.88 -37.61
CA GLN A 525 0.41 -3.07 -38.55
C GLN A 525 0.05 -1.72 -37.95
N SER A 526 -0.16 -0.73 -38.82
CA SER A 526 -0.41 0.64 -38.41
C SER A 526 -1.73 0.77 -37.64
N ASN A 527 -1.87 1.87 -36.91
CA ASN A 527 -3.13 2.14 -36.19
C ASN A 527 -4.24 2.59 -37.13
N GLU A 528 -3.97 2.50 -38.43
CA GLU A 528 -4.96 2.82 -39.44
C GLU A 528 -5.46 1.51 -40.07
N GLU A 529 -4.58 0.51 -40.09
CA GLU A 529 -4.95 -0.81 -40.58
C GLU A 529 -5.76 -1.55 -39.53
N VAL A 530 -5.46 -1.27 -38.26
CA VAL A 530 -6.17 -1.88 -37.15
C VAL A 530 -7.61 -1.40 -37.08
N VAL A 531 -7.82 -0.13 -37.42
CA VAL A 531 -9.18 0.43 -37.45
C VAL A 531 -10.03 -0.23 -38.52
N GLN A 532 -9.45 -0.35 -39.72
CA GLN A 532 -10.13 -0.96 -40.85
C GLN A 532 -10.33 -2.46 -40.65
N LEU A 533 -9.65 -3.01 -39.64
CA LEU A 533 -9.68 -4.44 -39.37
C LEU A 533 -10.81 -4.83 -38.40
N SER A 534 -11.40 -3.85 -37.74
CA SER A 534 -12.44 -4.11 -36.74
C SER A 534 -13.76 -4.60 -37.34
N PRO A 535 -14.29 -5.71 -36.81
CA PRO A 535 -15.49 -6.41 -37.28
C PRO A 535 -16.76 -5.53 -37.34
N ASP A 536 -17.36 -5.22 -36.20
CA ASP A 536 -18.57 -4.41 -36.17
C ASP A 536 -18.25 -2.91 -36.16
N GLU A 537 -19.28 -2.10 -36.40
CA GLU A 537 -19.12 -0.65 -36.47
C GLU A 537 -18.87 -0.02 -35.10
N GLU A 538 -19.33 -0.69 -34.04
CA GLU A 538 -19.18 -0.15 -32.69
C GLU A 538 -17.72 -0.16 -32.23
N THR A 539 -17.00 -1.23 -32.55
CA THR A 539 -15.58 -1.30 -32.22
C THR A 539 -14.79 -0.47 -33.22
N LYS A 540 -15.33 -0.34 -34.43
CA LYS A 540 -14.70 0.43 -35.48
C LYS A 540 -14.56 1.88 -35.07
N ASP A 541 -15.63 2.43 -34.50
CA ASP A 541 -15.65 3.82 -34.06
C ASP A 541 -14.96 4.00 -32.71
N LEU A 542 -14.95 2.94 -31.91
CA LEU A 542 -14.33 3.00 -30.58
C LEU A 542 -12.82 3.13 -30.64
N ILE A 543 -12.15 2.22 -31.35
CA ILE A 543 -10.70 2.26 -31.43
C ILE A 543 -10.22 3.41 -32.32
N HIS A 544 -11.11 3.93 -33.15
CA HIS A 544 -10.79 5.11 -33.96
C HIS A 544 -10.69 6.33 -33.05
N ARG A 545 -11.58 6.42 -32.07
CA ARG A 545 -11.57 7.52 -31.12
C ARG A 545 -10.34 7.46 -30.22
N LEU A 546 -9.88 6.24 -29.94
CA LEU A 546 -8.69 6.06 -29.11
C LEU A 546 -7.41 6.50 -29.83
N PHE A 547 -7.46 6.50 -31.17
CA PHE A 547 -6.32 6.90 -31.97
C PHE A 547 -6.34 8.38 -32.30
N HIS A 548 -7.49 9.02 -32.11
CA HIS A 548 -7.64 10.44 -32.38
C HIS A 548 -8.45 11.16 -31.30
N PRO A 549 -7.91 11.23 -30.07
CA PRO A 549 -8.63 11.93 -28.99
C PRO A 549 -8.74 13.43 -29.27
N GLY A 550 -9.68 14.09 -28.60
CA GLY A 550 -9.92 15.50 -28.81
C GLY A 550 -8.81 16.41 -28.29
N GLU A 551 -9.13 17.69 -28.15
CA GLU A 551 -8.20 18.67 -27.62
C GLU A 551 -7.68 18.23 -26.25
N HIS A 552 -8.60 17.92 -25.35
CA HIS A 552 -8.25 17.36 -24.06
C HIS A 552 -8.19 15.83 -24.16
N VAL A 553 -6.99 15.30 -24.20
CA VAL A 553 -6.79 13.85 -24.26
C VAL A 553 -7.17 13.23 -22.92
N ARG A 554 -7.19 14.07 -21.88
CA ARG A 554 -7.47 13.64 -20.52
C ARG A 554 -8.91 13.12 -20.37
N ASP A 555 -9.86 13.91 -20.85
CA ASP A 555 -11.28 13.58 -20.73
C ASP A 555 -11.64 12.38 -21.61
N CYS A 556 -10.79 12.09 -22.59
CA CYS A 556 -11.12 11.12 -23.65
C CYS A 556 -10.99 9.66 -23.24
N LEU A 557 -11.36 9.34 -22.01
CA LEU A 557 -11.42 7.95 -21.56
C LEU A 557 -12.69 7.73 -20.74
N SER A 558 -13.13 8.77 -20.05
CA SER A 558 -14.39 8.73 -19.33
C SER A 558 -15.53 8.80 -20.32
N ASP A 559 -15.31 9.59 -21.38
CA ASP A 559 -16.30 9.74 -22.45
C ASP A 559 -16.53 8.42 -23.15
N LEU A 560 -15.45 7.69 -23.40
CA LEU A 560 -15.50 6.45 -24.15
C LEU A 560 -16.23 5.33 -23.40
N LEU A 561 -16.38 5.48 -22.09
CA LEU A 561 -17.12 4.51 -21.30
C LEU A 561 -18.63 4.61 -21.56
N GLY A 562 -19.03 5.69 -22.23
CA GLY A 562 -20.42 5.88 -22.62
C GLY A 562 -20.65 5.64 -24.10
N HIS A 563 -19.74 4.86 -24.71
CA HIS A 563 -19.80 4.54 -26.13
C HIS A 563 -20.71 3.33 -26.37
N PRO A 564 -21.39 3.30 -27.52
CA PRO A 564 -22.25 2.17 -27.94
C PRO A 564 -21.61 0.79 -27.80
N PHE A 565 -20.28 0.72 -27.87
CA PHE A 565 -19.56 -0.53 -27.70
C PHE A 565 -19.89 -1.17 -26.35
N PHE A 566 -19.98 -0.34 -25.32
CA PHE A 566 -20.23 -0.81 -23.97
C PHE A 566 -21.72 -1.02 -23.68
N TRP A 567 -22.58 -0.63 -24.62
CA TRP A 567 -24.02 -0.83 -24.50
C TRP A 567 -24.38 -2.28 -24.80
N THR A 568 -25.28 -2.84 -24.01
CA THR A 568 -25.82 -4.17 -24.29
C THR A 568 -26.72 -4.10 -25.52
N TRP A 569 -27.01 -5.25 -26.11
CA TRP A 569 -27.87 -5.30 -27.29
C TRP A 569 -29.27 -4.76 -27.00
N GLU A 570 -29.78 -5.09 -25.82
CA GLU A 570 -31.07 -4.58 -25.36
C GLU A 570 -31.00 -3.07 -25.16
N SER A 571 -29.84 -2.60 -24.73
CA SER A 571 -29.62 -1.18 -24.50
C SER A 571 -29.57 -0.41 -25.82
N ARG A 572 -28.92 -0.98 -26.82
CA ARG A 572 -28.90 -0.40 -28.15
C ARG A 572 -30.32 -0.43 -28.73
N TYR A 573 -31.06 -1.47 -28.39
CA TYR A 573 -32.42 -1.66 -28.86
C TYR A 573 -33.37 -0.64 -28.24
N ARG A 574 -33.34 -0.56 -26.91
CA ARG A 574 -34.25 0.29 -26.15
C ARG A 574 -34.14 1.76 -26.57
N THR A 575 -32.92 2.23 -26.76
CA THR A 575 -32.67 3.64 -27.06
C THR A 575 -33.00 3.99 -28.51
N LEU A 576 -32.88 3.02 -29.41
CA LEU A 576 -33.29 3.24 -30.80
C LEU A 576 -34.80 3.36 -30.90
N ARG A 577 -35.51 2.60 -30.05
CA ARG A 577 -36.95 2.69 -29.98
C ARG A 577 -37.37 3.98 -29.27
N ASN A 578 -36.52 4.44 -28.36
CA ASN A 578 -36.80 5.68 -27.63
C ASN A 578 -36.68 6.93 -28.49
N VAL A 579 -35.68 6.95 -29.37
CA VAL A 579 -35.50 8.06 -30.29
C VAL A 579 -36.60 8.07 -31.34
N GLY A 580 -36.98 6.88 -31.81
CA GLY A 580 -38.06 6.73 -32.75
C GLY A 580 -39.40 7.07 -32.14
N ASN A 581 -39.42 7.23 -30.82
CA ASN A 581 -40.64 7.58 -30.10
C ASN A 581 -40.81 9.10 -29.96
N GLU A 582 -39.93 9.86 -30.61
CA GLU A 582 -40.05 11.30 -30.62
C GLU A 582 -41.28 11.74 -31.42
N SER A 583 -42.01 12.72 -30.90
CA SER A 583 -43.24 13.18 -31.53
C SER A 583 -42.99 13.85 -32.87
N ASP A 584 -41.80 14.44 -33.02
CA ASP A 584 -41.45 15.14 -34.24
C ASP A 584 -41.14 14.17 -35.38
N ILE A 585 -40.84 12.93 -35.02
CA ILE A 585 -40.43 11.93 -36.00
C ILE A 585 -41.61 11.09 -36.51
N LYS A 586 -42.66 10.99 -35.70
CA LYS A 586 -43.86 10.26 -36.10
C LYS A 586 -44.76 11.19 -36.90
N THR A 587 -44.86 12.43 -36.44
CA THR A 587 -45.52 13.49 -37.20
C THR A 587 -44.43 14.31 -37.87
N ARG A 588 -43.86 13.75 -38.94
CA ARG A 588 -42.68 14.30 -39.60
C ARG A 588 -42.77 15.80 -39.86
N LYS A 589 -41.80 16.54 -39.33
CA LYS A 589 -41.84 18.00 -39.37
C LYS A 589 -40.60 18.56 -40.07
N SER A 590 -40.81 19.59 -40.87
CA SER A 590 -39.73 20.23 -41.62
C SER A 590 -38.78 20.97 -40.69
N GLU A 591 -39.36 21.74 -39.76
CA GLU A 591 -38.59 22.60 -38.88
C GLU A 591 -38.02 21.86 -37.67
N SER A 592 -38.19 20.53 -37.65
CA SER A 592 -37.70 19.72 -36.54
C SER A 592 -36.20 19.85 -36.34
N GLU A 593 -35.78 20.03 -35.09
CA GLU A 593 -34.36 20.09 -34.77
C GLU A 593 -33.74 18.71 -34.83
N ILE A 594 -34.51 17.69 -34.44
CA ILE A 594 -34.01 16.33 -34.43
C ILE A 594 -33.89 15.74 -35.83
N LEU A 595 -34.78 16.16 -36.72
CA LEU A 595 -34.82 15.61 -38.07
C LEU A 595 -33.69 16.14 -38.94
N ARG A 596 -33.33 17.40 -38.74
CA ARG A 596 -32.21 17.99 -39.48
C ARG A 596 -30.87 17.47 -38.99
N LEU A 597 -30.80 17.09 -37.72
CA LEU A 597 -29.59 16.50 -37.15
C LEU A 597 -29.32 15.14 -37.78
N LEU A 598 -30.38 14.34 -37.91
CA LEU A 598 -30.27 12.99 -38.44
C LEU A 598 -30.02 12.93 -39.95
N GLN A 599 -30.10 14.10 -40.61
CA GLN A 599 -29.85 14.17 -42.05
C GLN A 599 -28.36 14.22 -42.36
N PRO A 600 -27.93 13.42 -43.34
CA PRO A 600 -26.53 13.40 -43.80
C PRO A 600 -26.11 14.75 -44.37
N GLU A 604 -20.93 10.97 -47.22
CA GLU A 604 -21.77 10.00 -46.52
C GLU A 604 -22.71 9.28 -47.48
N HIS A 605 -22.32 9.25 -48.76
CA HIS A 605 -23.13 8.60 -49.79
C HIS A 605 -23.30 7.12 -49.53
N SER A 606 -22.27 6.50 -48.97
CA SER A 606 -22.29 5.06 -48.70
C SER A 606 -22.74 4.76 -47.28
N LYS A 607 -23.93 4.16 -47.15
CA LYS A 607 -24.49 3.80 -45.85
C LYS A 607 -25.26 2.48 -45.95
N SER A 608 -25.68 1.95 -44.80
CA SER A 608 -26.44 0.70 -44.75
C SER A 608 -27.93 0.95 -44.93
N PHE A 609 -28.40 2.12 -44.51
CA PHE A 609 -29.83 2.39 -44.43
C PHE A 609 -30.33 3.47 -45.39
N ASP A 610 -29.57 3.71 -46.45
CA ASP A 610 -29.95 4.75 -47.42
C ASP A 610 -31.30 4.48 -48.08
N LYS A 611 -31.55 3.21 -48.39
CA LYS A 611 -32.82 2.80 -48.96
C LYS A 611 -33.30 1.55 -48.23
N TRP A 612 -33.46 1.70 -46.91
CA TRP A 612 -33.66 0.57 -46.01
C TRP A 612 -34.95 -0.24 -46.24
N THR A 613 -35.96 0.39 -46.84
CA THR A 613 -37.24 -0.27 -47.05
C THR A 613 -37.14 -1.43 -48.05
N THR A 614 -36.06 -1.45 -48.83
CA THR A 614 -35.79 -2.55 -49.74
C THR A 614 -34.94 -3.62 -49.05
N LYS A 615 -34.15 -3.19 -48.07
CA LYS A 615 -33.30 -4.10 -47.31
C LYS A 615 -34.12 -5.04 -46.44
N ILE A 616 -35.37 -4.66 -46.19
CA ILE A 616 -36.26 -5.46 -45.36
C ILE A 616 -36.97 -6.56 -46.18
N ASN A 617 -37.67 -7.44 -45.48
CA ASN A 617 -37.96 -8.79 -45.97
C ASN A 617 -38.64 -9.10 -47.33
N GLU A 618 -39.78 -8.50 -47.67
CA GLU A 618 -40.43 -7.42 -46.95
C GLU A 618 -41.90 -7.73 -46.62
N CYS A 619 -42.18 -8.98 -46.25
CA CYS A 619 -43.53 -9.37 -45.86
C CYS A 619 -43.90 -8.74 -44.52
N VAL A 620 -42.89 -8.54 -43.67
CA VAL A 620 -43.07 -7.82 -42.42
C VAL A 620 -43.32 -6.34 -42.69
N MET A 621 -42.64 -5.83 -43.71
CA MET A 621 -42.76 -4.43 -44.10
C MET A 621 -44.19 -4.07 -44.54
N LYS A 622 -44.79 -4.92 -45.36
CA LYS A 622 -46.11 -4.65 -45.90
C LYS A 622 -47.18 -4.78 -44.81
N LYS A 623 -46.91 -5.63 -43.82
CA LYS A 623 -47.85 -5.85 -42.72
C LYS A 623 -47.84 -4.65 -41.78
N MET A 624 -46.71 -3.93 -41.76
CA MET A 624 -46.57 -2.75 -40.93
C MET A 624 -47.09 -1.51 -41.67
N ASN A 625 -46.97 -1.53 -43.00
CA ASN A 625 -47.45 -0.43 -43.83
C ASN A 625 -48.97 -0.36 -43.92
N LYS A 626 -49.63 -1.48 -43.60
CA LYS A 626 -51.09 -1.53 -43.63
C LYS A 626 -51.70 -0.64 -42.56
N PHE A 627 -50.91 -0.27 -41.57
CA PHE A 627 -51.36 0.59 -40.48
C PHE A 627 -51.59 2.02 -40.95
N TYR A 628 -50.98 2.39 -42.08
CA TYR A 628 -51.07 3.75 -42.58
C TYR A 628 -51.69 3.83 -43.98
N GLU A 629 -52.37 2.77 -44.39
CA GLU A 629 -52.91 2.68 -45.75
C GLU A 629 -54.07 3.65 -46.01
N LYS A 630 -54.71 4.13 -44.94
CA LYS A 630 -55.84 5.04 -45.09
C LYS A 630 -55.43 6.38 -45.68
N ARG A 631 -54.60 7.13 -44.94
CA ARG A 631 -54.12 8.42 -45.43
C ARG A 631 -52.92 8.28 -46.37
N GLY A 632 -52.47 7.04 -46.56
CA GLY A 632 -51.39 6.74 -47.48
C GLY A 632 -50.02 7.16 -46.98
N ASN A 633 -49.92 7.42 -45.68
CA ASN A 633 -48.65 7.84 -45.07
C ASN A 633 -47.67 6.68 -44.90
N PHE A 634 -47.24 6.09 -46.01
CA PHE A 634 -46.31 4.97 -45.96
C PHE A 634 -44.92 5.40 -45.51
N TYR A 635 -44.10 4.41 -45.14
CA TYR A 635 -42.71 4.66 -44.76
C TYR A 635 -41.86 5.06 -45.95
N GLN A 636 -41.00 6.04 -45.76
CA GLN A 636 -40.04 6.43 -46.80
C GLN A 636 -38.59 6.23 -46.33
N ASN A 637 -37.66 6.29 -47.28
CA ASN A 637 -36.26 5.92 -47.01
C ASN A 637 -35.42 6.99 -46.31
N THR A 638 -36.02 7.67 -45.33
CA THR A 638 -35.27 8.61 -44.50
C THR A 638 -34.78 7.91 -43.24
N VAL A 639 -33.81 8.52 -42.55
CA VAL A 639 -33.30 7.96 -41.31
C VAL A 639 -34.37 8.00 -40.22
N GLY A 640 -35.22 9.02 -40.30
CA GLY A 640 -36.26 9.21 -39.31
C GLY A 640 -37.33 8.13 -39.30
N ASP A 641 -37.74 7.69 -40.50
CA ASP A 641 -38.78 6.67 -40.61
C ASP A 641 -38.27 5.28 -40.26
N LEU A 642 -36.96 5.08 -40.35
CA LEU A 642 -36.36 3.82 -39.94
C LEU A 642 -36.48 3.67 -38.42
N LEU A 643 -36.22 4.76 -37.71
CA LEU A 643 -36.34 4.77 -36.26
C LEU A 643 -37.81 4.75 -35.83
N LYS A 644 -38.66 5.36 -36.64
CA LYS A 644 -40.10 5.28 -36.42
C LYS A 644 -40.54 3.84 -36.55
N PHE A 645 -39.97 3.14 -37.53
CA PHE A 645 -40.28 1.74 -37.77
C PHE A 645 -39.81 0.86 -36.62
N ILE A 646 -38.61 1.11 -36.11
CA ILE A 646 -38.05 0.33 -35.01
C ILE A 646 -38.87 0.51 -33.74
N ARG A 647 -39.24 1.76 -33.44
CA ARG A 647 -40.07 2.06 -32.27
C ARG A 647 -41.44 1.40 -32.39
N ASN A 648 -42.01 1.45 -33.60
CA ASN A 648 -43.32 0.86 -33.86
C ASN A 648 -43.31 -0.66 -33.78
N LEU A 649 -42.36 -1.29 -34.45
CA LEU A 649 -42.28 -2.75 -34.51
C LEU A 649 -42.06 -3.37 -33.12
N GLY A 650 -41.08 -2.86 -32.40
CA GLY A 650 -40.75 -3.39 -31.08
C GLY A 650 -41.84 -3.18 -30.05
N GLU A 651 -42.74 -2.25 -30.34
CA GLU A 651 -43.84 -1.94 -29.43
C GLU A 651 -44.94 -3.00 -29.48
N ASN A 652 -45.45 -3.25 -30.68
CA ASN A 652 -46.55 -4.20 -30.87
C ASN A 652 -46.12 -5.66 -30.91
N ILE A 653 -44.82 -5.91 -31.05
CA ILE A 653 -44.30 -7.27 -31.17
C ILE A 653 -44.52 -8.09 -29.90
N ASP A 654 -44.98 -7.44 -28.83
CA ASP A 654 -45.28 -8.13 -27.59
C ASP A 654 -46.76 -8.45 -27.47
N GLU A 655 -47.59 -7.76 -28.26
CA GLU A 655 -49.03 -7.97 -28.25
C GLU A 655 -49.38 -9.38 -28.75
N GLU A 656 -50.62 -9.79 -28.56
CA GLU A 656 -51.03 -11.16 -28.90
C GLU A 656 -51.75 -11.32 -30.23
N LYS A 657 -51.08 -10.92 -31.31
CA LYS A 657 -51.52 -11.21 -32.66
C LYS A 657 -50.28 -11.22 -33.54
N HIS A 658 -49.13 -11.34 -32.89
CA HIS A 658 -47.85 -11.21 -33.58
C HIS A 658 -46.83 -12.29 -33.22
N LYS A 659 -47.20 -13.55 -33.48
CA LYS A 659 -46.24 -14.64 -33.42
C LYS A 659 -45.64 -14.84 -34.80
N LYS A 660 -46.38 -14.43 -35.82
CA LYS A 660 -45.92 -14.49 -37.20
C LYS A 660 -44.69 -13.62 -37.41
N MET A 661 -44.68 -12.45 -36.80
CA MET A 661 -43.57 -11.52 -36.92
C MET A 661 -42.36 -11.93 -36.08
N LYS A 662 -42.60 -12.66 -35.00
CA LYS A 662 -41.51 -13.09 -34.12
C LYS A 662 -40.57 -14.08 -34.81
N LEU A 663 -41.15 -15.01 -35.56
CA LEU A 663 -40.37 -16.02 -36.27
C LEU A 663 -39.54 -15.42 -37.40
N LYS A 664 -40.19 -14.56 -38.20
CA LYS A 664 -39.59 -14.01 -39.41
C LYS A 664 -38.47 -13.00 -39.09
N ILE A 665 -38.49 -12.45 -37.88
CA ILE A 665 -37.51 -11.47 -37.48
C ILE A 665 -36.47 -12.06 -36.54
N GLY A 666 -36.87 -13.09 -35.79
CA GLY A 666 -36.02 -13.65 -34.75
C GLY A 666 -35.95 -12.69 -33.59
N ASP A 667 -34.78 -12.56 -32.98
CA ASP A 667 -34.58 -11.56 -31.94
C ASP A 667 -34.52 -10.18 -32.58
N PRO A 668 -35.40 -9.27 -32.16
CA PRO A 668 -35.54 -7.93 -32.77
C PRO A 668 -34.29 -7.07 -32.57
N SER A 669 -33.73 -7.10 -31.37
CA SER A 669 -32.53 -6.33 -31.05
C SER A 669 -31.34 -6.79 -31.88
N LEU A 670 -31.37 -8.06 -32.28
CA LEU A 670 -30.29 -8.65 -33.07
C LEU A 670 -30.49 -8.42 -34.56
N TYR A 671 -31.73 -8.55 -35.02
CA TYR A 671 -32.05 -8.43 -36.44
C TYR A 671 -31.73 -7.04 -36.99
N PHE A 672 -32.16 -6.00 -36.27
CA PHE A 672 -31.95 -4.62 -36.71
C PHE A 672 -30.46 -4.28 -36.82
N GLN A 673 -29.65 -4.87 -35.96
CA GLN A 673 -28.20 -4.63 -35.99
C GLN A 673 -27.53 -5.36 -37.14
N LYS A 674 -28.08 -6.52 -37.51
CA LYS A 674 -27.54 -7.29 -38.63
C LYS A 674 -27.70 -6.53 -39.94
N THR A 675 -28.94 -6.34 -40.36
CA THR A 675 -29.26 -5.71 -41.64
C THR A 675 -28.78 -4.26 -41.73
N PHE A 676 -28.57 -3.63 -40.58
CA PHE A 676 -28.02 -2.26 -40.54
C PHE A 676 -27.02 -2.12 -39.40
N PRO A 677 -25.75 -2.48 -39.64
CA PRO A 677 -24.68 -2.36 -38.65
C PRO A 677 -24.25 -0.91 -38.50
N ASP A 678 -24.52 -0.12 -39.52
CA ASP A 678 -24.12 1.28 -39.56
C ASP A 678 -24.96 2.14 -38.62
N LEU A 679 -26.14 1.64 -38.27
CA LEU A 679 -27.16 2.45 -37.62
C LEU A 679 -26.86 2.91 -36.20
N VAL A 680 -26.42 1.99 -35.34
CA VAL A 680 -26.19 2.30 -33.93
C VAL A 680 -25.13 3.39 -33.74
N ILE A 681 -24.06 3.31 -34.52
CA ILE A 681 -23.00 4.31 -34.46
C ILE A 681 -23.41 5.64 -35.08
N TYR A 682 -24.19 5.57 -36.16
CA TYR A 682 -24.64 6.78 -36.85
C TYR A 682 -25.48 7.67 -35.95
N VAL A 683 -26.46 7.09 -35.29
CA VAL A 683 -27.36 7.85 -34.42
C VAL A 683 -26.61 8.40 -33.20
N TYR A 684 -25.56 7.69 -32.78
CA TYR A 684 -24.74 8.14 -31.66
C TYR A 684 -23.89 9.35 -32.04
N THR A 685 -23.22 9.25 -33.19
CA THR A 685 -22.34 10.32 -33.67
C THR A 685 -23.13 11.61 -33.86
N LYS A 686 -24.37 11.46 -34.32
CA LYS A 686 -25.25 12.59 -34.56
C LYS A 686 -25.68 13.28 -33.27
N LEU A 687 -26.39 12.53 -32.43
CA LEU A 687 -27.00 13.07 -31.22
C LEU A 687 -26.01 13.18 -30.05
N GLN A 688 -24.72 13.05 -30.34
CA GLN A 688 -23.68 12.95 -29.31
C GLN A 688 -23.62 14.12 -28.35
N ASN A 689 -24.03 15.31 -28.79
CA ASN A 689 -24.05 16.48 -27.93
C ASN A 689 -25.32 17.30 -28.11
N THR A 690 -26.45 16.72 -27.72
CA THR A 690 -27.74 17.38 -27.85
C THR A 690 -28.59 17.04 -26.63
N GLU A 691 -29.74 17.69 -26.49
CA GLU A 691 -30.67 17.36 -25.42
C GLU A 691 -31.23 15.96 -25.62
N TYR A 692 -31.15 15.48 -26.86
CA TYR A 692 -31.62 14.15 -27.22
C TYR A 692 -30.65 13.05 -26.79
N ARG A 693 -30.01 13.27 -25.64
CA ARG A 693 -29.08 12.29 -25.07
C ARG A 693 -29.70 11.57 -23.89
N LYS A 694 -30.90 12.01 -23.49
CA LYS A 694 -31.64 11.34 -22.44
C LYS A 694 -32.05 9.96 -22.93
N HIS A 695 -32.23 9.84 -24.24
CA HIS A 695 -32.60 8.56 -24.84
C HIS A 695 -31.49 7.53 -24.67
N PHE A 696 -30.24 7.99 -24.63
CA PHE A 696 -29.09 7.12 -24.37
C PHE A 696 -29.26 6.42 -23.03
N PRO A 697 -28.65 5.23 -22.88
CA PRO A 697 -28.73 4.53 -21.59
C PRO A 697 -27.78 5.15 -20.58
N GLN A 698 -28.05 4.95 -19.30
CA GLN A 698 -27.16 5.47 -18.26
C GLN A 698 -25.86 4.67 -18.22
N THR A 699 -24.74 5.37 -18.45
CA THR A 699 -23.39 4.78 -18.44
C THR A 699 -23.29 3.49 -19.26
PB ADP C . 7.33 -8.97 -16.85
O1B ADP C . 6.37 -9.11 -17.99
O2B ADP C . 8.61 -9.76 -17.01
O3B ADP C . 7.53 -7.54 -16.39
PA ADP C . 5.01 -9.71 -15.37
O1A ADP C . 4.66 -8.89 -14.17
O2A ADP C . 4.34 -9.43 -16.70
O3A ADP C . 6.62 -9.68 -15.58
O5' ADP C . 4.78 -11.28 -15.04
C5' ADP C . 4.98 -12.23 -16.10
C4' ADP C . 3.87 -13.27 -16.10
O4' ADP C . 3.64 -13.81 -14.80
C3' ADP C . 2.53 -12.69 -16.54
O3' ADP C . 2.38 -12.76 -17.95
C2' ADP C . 1.54 -13.59 -15.83
O2' ADP C . 1.29 -14.74 -16.65
C1' ADP C . 2.26 -14.06 -14.58
N9 ADP C . 1.77 -13.30 -13.40
C8 ADP C . 2.33 -12.17 -12.93
N7 ADP C . 1.65 -11.72 -11.84
C5 ADP C . 0.64 -12.57 -11.62
C6 ADP C . -0.46 -12.68 -10.62
N6 ADP C . -0.61 -11.76 -9.64
N1 ADP C . -1.31 -13.72 -10.73
C2 ADP C . -1.17 -14.65 -11.70
N3 ADP C . -0.20 -14.61 -12.64
C4 ADP C . 0.72 -13.61 -12.64
MG MG D . 4.64 -8.40 -18.91
MG MG E . 7.11 -5.94 -17.70
#